data_9IPA
#
_entry.id   9IPA
#
_cell.length_a   1.00
_cell.length_b   1.00
_cell.length_c   1.00
_cell.angle_alpha   90.00
_cell.angle_beta   90.00
_cell.angle_gamma   90.00
#
_symmetry.space_group_name_H-M   'P 1'
#
loop_
_entity.id
_entity.type
_entity.pdbx_description
1 polymer 'Epidermal growth factor receptor'
2 polymer 'HL-type bispecific diabody Ex3'
3 polymer 'T-cell surface glycoprotein CD3 gamma chain,T-cell surface glycoprotein CD3 epsilon chain'
#
loop_
_entity_poly.entity_id
_entity_poly.type
_entity_poly.pdbx_seq_one_letter_code
_entity_poly.pdbx_strand_id
1 'polypeptide(L)'
;LEEKKVCQGTSNKLTQLGTFEDHFLSLQRMFNNCEVVLGNLEITYVQRNYDLSFLKTIQEVAGYVLIALNTVERIPLENL
QIIRGNMYYENSYALAVLSNYDANKTGLKELPMRNLQEILHGAVRFSNNPALCNVESIQWRDIVSSDFLSNMSMDFQNHL
GSCQKCDPSCPNGSCWGAGEENCQKLTKIICAQQCSGRCRGKSPSDCCHNQCAAGCTGPRESDCLVCRKFRDEATCKDTC
PPLMLYNPTTYQMDVNPEGKYSFGATCVKKCPRNYVVTDHGSCVRACGADSYEMEEDGVRKCKKCEGPCRKVCNGIGIGE
FKDSLSINATNIKHFKNCTSISGDLHILPVAFRGDSFTHTPPLDPQELDILKTVKEITGFLLIQAWPENRTDLHAFENLE
IIRGRTKQHGQFSLAVVSLNITSLGLRSLKEISDGDVIISGNKNLCYANTINWKKLFGTSGQKTKIISNRGENSCKATGQ
VCHALCSPEGCWGPEPRDCVSCRNVSRGRECVDKCNLLEGEPREFVENSECIQCHPECLPQAMNITCTGRGPDNCIQCAH
YIDGPHCVKTCPAGVMGENNTLVWKYADAGHVCHLCHPNCTYGCTGPGLEGCPTNGPKIPSHHHHHH
;
A
2 'polypeptide(L)'
;MAFAAQVQLVQSGGGVVQPGRSLRLSCKASGYTFTRYTMHWVRQAPGKGLEWIGYINPSRGYTNYNQKVKDRFTISRDNS
KNTAFLQMDSLRPEDTGVYFCARYYDDHYSLDYWGQGTPVTVSSAGGGGSDIVMTQSPLSLPVTPGEPASISCRSSQNIV
HNNGITYLEWYLQKPGQSPQLLIYKVSDRFSGVPDRFSGSGSGTDFTLKISRVEAEDVGVYYCFQGSHIPPTFGQGTKVE
IKRAAAAGGGGSGGGGSGGGGSGGGGSQVQLVQSGAEVKKPGASVKVSCKASGYTFTSYWMHWVRQAPGQGLEWMGNIWP
GSGGTNYAEKFKNRVTMTRDTSISTAYMELSRLRSDDTAVYYCARSGGPYFFDYWGQGTLVTVSSAGGGGSDIQMTQSPS
SLSASVGDRVTITCSASSSVSYMNWYQQTPGKAPKRWIYDTSKLASGVPSRFSGSGSGTDYTFTISSLQPEDIATYYCQQ
WSSNPFTFGQGTKLQITRAAAAEQKLISEEDLNLGGGMRGSHHHHHH
;
B
3 'polypeptide(L)'
;MQSIKGNHLVKVYDYQEDGSVLLTCDAEAKNITWFKDGKMIGFLTEDKKKWNLGSNAKDPRGMYQCKGSQNKSKPLQVYY
RMGSADDAKKDAAKKDDAKKDDAKKDGSDGNEEMGGITQTPYKVSISGTTVILTCPQYPGSEILWQHNDKNIGGDEDDKN
IGSDEDHLSLKEFSELEQSGYYVCYPRGSKPEDANFYLYLRARV
;
C
#
# COMPACT_ATOMS: atom_id res chain seq x y z
N LYS A 4 38.01 -7.54 -33.57
CA LYS A 4 38.86 -7.06 -32.50
C LYS A 4 38.02 -6.58 -31.32
N LYS A 5 38.08 -7.31 -30.20
CA LYS A 5 37.22 -7.03 -29.06
C LYS A 5 37.57 -5.69 -28.41
N VAL A 6 36.58 -5.11 -27.72
CA VAL A 6 36.68 -3.76 -27.19
C VAL A 6 36.12 -3.70 -25.78
N CYS A 7 36.73 -2.87 -24.93
CA CYS A 7 36.15 -2.53 -23.63
C CYS A 7 36.27 -1.04 -23.32
N GLN A 8 35.83 -0.63 -22.15
CA GLN A 8 35.84 0.79 -21.79
C GLN A 8 37.25 1.33 -21.59
N HIS A 23 35.22 -6.43 -9.12
CA HIS A 23 35.55 -5.46 -10.16
C HIS A 23 36.78 -5.92 -10.93
N PHE A 24 37.75 -6.48 -10.21
CA PHE A 24 38.93 -7.03 -10.88
C PHE A 24 38.54 -8.15 -11.83
N LEU A 25 37.68 -9.06 -11.37
CA LEU A 25 37.20 -10.13 -12.24
C LEU A 25 36.40 -9.56 -13.40
N SER A 26 35.56 -8.57 -13.13
CA SER A 26 34.74 -7.98 -14.19
C SER A 26 35.62 -7.36 -15.27
N LEU A 27 36.64 -6.60 -14.85
CA LEU A 27 37.53 -5.99 -15.82
C LEU A 27 38.43 -7.01 -16.49
N GLN A 28 38.76 -8.10 -15.81
CA GLN A 28 39.58 -9.13 -16.43
C GLN A 28 38.80 -9.97 -17.42
N ARG A 29 37.49 -10.08 -17.26
CA ARG A 29 36.68 -10.78 -18.24
C ARG A 29 36.26 -9.85 -19.37
N MET A 30 36.05 -8.57 -19.07
CA MET A 30 35.61 -7.59 -20.04
C MET A 30 36.79 -6.86 -20.66
N PHE A 31 38.01 -7.26 -20.31
CA PHE A 31 39.20 -6.69 -20.90
C PHE A 31 40.14 -7.73 -21.47
N ASN A 32 39.89 -9.02 -21.22
CA ASN A 32 40.85 -10.06 -21.58
C ASN A 32 41.10 -10.09 -23.08
N ASN A 33 40.04 -10.18 -23.87
CA ASN A 33 40.17 -10.35 -25.31
C ASN A 33 40.13 -9.05 -26.07
N CYS A 34 40.04 -7.91 -25.38
CA CYS A 34 39.88 -6.63 -26.07
C CYS A 34 41.12 -6.38 -26.92
N GLU A 35 41.00 -6.61 -28.22
CA GLU A 35 42.14 -6.39 -29.11
C GLU A 35 42.47 -4.91 -29.20
N VAL A 36 41.45 -4.07 -29.15
CA VAL A 36 41.60 -2.62 -28.99
C VAL A 36 40.49 -2.13 -28.07
N VAL A 37 40.83 -1.25 -27.12
CA VAL A 37 39.85 -0.64 -26.23
C VAL A 37 39.72 0.84 -26.63
N LEU A 38 38.52 1.22 -27.09
CA LEU A 38 38.27 2.60 -27.49
C LEU A 38 38.10 3.53 -26.29
N GLY A 39 38.04 2.98 -25.07
CA GLY A 39 37.89 3.78 -23.88
C GLY A 39 39.21 4.17 -23.26
N ASN A 40 39.53 3.59 -22.12
CA ASN A 40 40.79 3.86 -21.47
C ASN A 40 41.34 2.56 -20.94
N LEU A 41 42.67 2.50 -20.83
CA LEU A 41 43.33 1.33 -20.28
C LEU A 41 43.52 1.52 -18.78
N GLU A 42 42.40 1.47 -18.07
CA GLU A 42 42.40 1.77 -16.65
C GLU A 42 42.77 0.56 -15.81
N ILE A 43 43.95 -0.02 -16.06
CA ILE A 43 44.36 -1.19 -15.31
C ILE A 43 44.77 -0.75 -13.90
N THR A 44 43.92 -1.03 -12.92
CA THR A 44 44.18 -0.65 -11.55
C THR A 44 44.14 -1.89 -10.65
N TYR A 45 45.07 -1.94 -9.69
CA TYR A 45 45.16 -3.05 -8.73
C TYR A 45 45.31 -4.39 -9.42
N LEU A 52 45.10 -11.23 -13.78
CA LEU A 52 46.52 -11.54 -13.74
C LEU A 52 47.02 -11.96 -15.12
N SER A 53 47.86 -11.11 -15.72
CA SER A 53 48.30 -11.30 -17.09
C SER A 53 47.12 -11.44 -18.03
N PHE A 54 46.00 -10.83 -17.64
CA PHE A 54 44.77 -10.98 -18.39
C PHE A 54 44.78 -10.17 -19.69
N LEU A 55 45.74 -9.27 -19.83
CA LEU A 55 45.86 -8.46 -21.02
C LEU A 55 47.20 -8.76 -21.68
N LYS A 56 47.16 -9.05 -22.97
CA LYS A 56 48.37 -9.27 -23.74
C LYS A 56 48.28 -8.81 -25.18
N THR A 57 47.08 -8.56 -25.72
CA THR A 57 46.91 -8.22 -27.13
C THR A 57 46.15 -6.91 -27.29
N ILE A 58 46.34 -5.99 -26.37
CA ILE A 58 45.69 -4.68 -26.48
C ILE A 58 46.46 -3.89 -27.52
N GLN A 59 46.00 -3.92 -28.78
CA GLN A 59 46.80 -3.39 -29.88
C GLN A 59 46.96 -1.88 -29.79
N GLU A 60 45.89 -1.12 -30.10
CA GLU A 60 45.93 0.33 -30.09
C GLU A 60 44.73 0.88 -29.33
N VAL A 61 44.98 1.82 -28.42
CA VAL A 61 43.97 2.36 -27.52
C VAL A 61 43.76 3.84 -27.84
N ALA A 62 42.51 4.22 -28.09
CA ALA A 62 42.13 5.61 -28.27
C ALA A 62 41.65 6.19 -26.93
N GLY A 63 42.62 6.51 -26.07
CA GLY A 63 42.33 7.09 -24.78
C GLY A 63 43.55 7.09 -23.89
N TYR A 64 43.36 6.90 -22.60
CA TYR A 64 44.48 6.95 -21.67
C TYR A 64 44.71 5.56 -21.10
N VAL A 65 45.62 5.49 -20.14
CA VAL A 65 45.94 4.23 -19.48
C VAL A 65 46.23 4.45 -18.01
N LEU A 66 45.28 4.10 -17.15
CA LEU A 66 45.40 4.32 -15.71
C LEU A 66 46.02 3.10 -15.02
N ILE A 67 47.31 2.91 -15.26
CA ILE A 67 48.01 1.75 -14.74
C ILE A 67 48.26 1.94 -13.25
N ALA A 68 47.59 1.13 -12.44
CA ALA A 68 47.81 1.10 -11.00
C ALA A 68 48.06 -0.33 -10.54
N LEU A 69 48.84 -1.07 -11.33
CA LEU A 69 49.16 -2.46 -11.03
C LEU A 69 47.91 -3.28 -10.74
N GLU A 73 53.37 -6.92 -9.97
CA GLU A 73 54.64 -6.41 -10.47
C GLU A 73 54.98 -7.02 -11.84
N ARG A 74 54.21 -8.02 -12.24
CA ARG A 74 54.39 -8.65 -13.55
C ARG A 74 53.10 -8.46 -14.34
N ILE A 75 53.06 -7.42 -15.17
CA ILE A 75 51.92 -7.13 -16.02
C ILE A 75 52.44 -7.08 -17.45
N PRO A 76 52.07 -8.02 -18.31
CA PRO A 76 52.69 -8.07 -19.63
C PRO A 76 52.49 -6.79 -20.40
N LEU A 77 51.23 -6.45 -20.66
CA LEU A 77 50.88 -5.23 -21.40
C LEU A 77 51.72 -5.09 -22.65
N GLU A 78 52.21 -6.22 -23.17
CA GLU A 78 53.26 -6.18 -24.17
C GLU A 78 52.77 -5.54 -25.46
N ASN A 79 51.53 -5.81 -25.85
CA ASN A 79 51.03 -5.37 -27.13
C ASN A 79 50.52 -3.93 -27.11
N LEU A 80 50.53 -3.27 -25.96
CA LEU A 80 50.05 -1.90 -25.87
C LEU A 80 50.90 -1.02 -26.77
N GLN A 81 50.37 -0.63 -27.92
CA GLN A 81 51.13 0.07 -28.94
C GLN A 81 50.93 1.59 -28.94
N ILE A 82 49.67 2.05 -29.01
CA ILE A 82 49.38 3.48 -29.15
C ILE A 82 48.46 3.92 -28.03
N ILE A 83 48.84 5.00 -27.33
CA ILE A 83 48.02 5.59 -26.28
C ILE A 83 47.61 6.98 -26.76
N ARG A 84 46.31 7.16 -26.99
CA ARG A 84 45.79 8.39 -27.60
C ARG A 84 45.46 9.48 -26.59
N GLY A 85 45.39 9.15 -25.29
CA GLY A 85 45.16 10.19 -24.30
C GLY A 85 43.87 10.95 -24.51
N ASN A 86 42.86 10.31 -25.11
CA ASN A 86 41.59 10.98 -25.35
C ASN A 86 40.96 11.45 -24.05
N MET A 87 41.36 10.85 -22.94
CA MET A 87 41.11 11.40 -21.64
C MET A 87 42.45 11.47 -20.93
N TYR A 88 42.44 12.08 -19.75
CA TYR A 88 43.64 12.12 -18.93
C TYR A 88 43.20 11.99 -17.47
N TYR A 89 44.08 11.41 -16.65
CA TYR A 89 43.70 11.11 -15.28
C TYR A 89 43.38 12.39 -14.52
N GLU A 90 44.33 13.30 -14.45
CA GLU A 90 44.08 14.65 -14.00
C GLU A 90 44.28 15.65 -15.14
N ASN A 91 45.44 15.63 -15.78
CA ASN A 91 45.73 16.55 -16.88
C ASN A 91 46.87 15.99 -17.70
N SER A 92 46.60 15.70 -18.98
CA SER A 92 47.58 15.13 -19.89
C SER A 92 48.25 13.91 -19.25
N TYR A 93 47.52 13.27 -18.34
CA TYR A 93 48.03 12.11 -17.62
C TYR A 93 47.54 10.90 -18.40
N ALA A 94 48.34 10.51 -19.40
CA ALA A 94 48.03 9.34 -20.23
C ALA A 94 48.59 8.08 -19.59
N LEU A 95 49.86 8.12 -19.22
CA LEU A 95 50.54 7.00 -18.56
C LEU A 95 50.69 7.25 -17.07
N ALA A 96 49.56 7.19 -16.35
CA ALA A 96 49.59 7.33 -14.91
C ALA A 96 49.99 6.01 -14.28
N VAL A 97 51.08 6.03 -13.51
CA VAL A 97 51.58 4.85 -12.81
C VAL A 97 51.84 5.24 -11.36
N LEU A 98 51.95 4.23 -10.50
CA LEU A 98 52.18 4.48 -9.09
C LEU A 98 52.67 3.21 -8.40
N SER A 99 53.45 3.42 -7.33
CA SER A 99 53.90 2.34 -6.43
C SER A 99 54.61 1.20 -7.14
N LEU A 108 56.51 -2.96 -10.63
CA LEU A 108 56.09 -3.62 -11.85
C LEU A 108 57.27 -3.76 -12.81
N LYS A 109 58.38 -4.28 -12.29
CA LYS A 109 59.56 -4.46 -13.11
C LYS A 109 59.24 -5.32 -14.32
N GLU A 110 58.41 -6.34 -14.14
CA GLU A 110 57.95 -7.16 -15.24
C GLU A 110 56.67 -6.60 -15.84
N LEU A 111 56.72 -5.33 -16.21
CA LEU A 111 55.64 -4.68 -16.95
C LEU A 111 56.22 -4.25 -18.29
N PRO A 112 56.49 -5.21 -19.17
CA PRO A 112 57.24 -4.94 -20.40
C PRO A 112 56.40 -4.29 -21.50
N MET A 113 56.16 -2.99 -21.34
CA MET A 113 55.45 -2.19 -22.34
C MET A 113 56.38 -1.83 -23.49
N ARG A 114 57.00 -2.87 -24.04
CA ARG A 114 57.95 -2.66 -25.11
C ARG A 114 57.30 -2.03 -26.32
N ASN A 115 56.04 -2.35 -26.57
CA ASN A 115 55.34 -1.75 -27.69
C ASN A 115 54.89 -0.32 -27.39
N LEU A 116 54.88 0.08 -26.12
CA LEU A 116 54.41 1.40 -25.75
C LEU A 116 55.42 2.42 -26.27
N GLN A 117 55.34 2.67 -27.59
CA GLN A 117 56.36 3.42 -28.30
C GLN A 117 55.94 4.82 -28.71
N GLU A 118 54.64 5.14 -28.67
CA GLU A 118 54.19 6.46 -29.09
C GLU A 118 52.87 6.76 -28.40
N ILE A 119 52.91 7.56 -27.35
CA ILE A 119 51.70 8.06 -26.70
C ILE A 119 51.34 9.37 -27.35
N LEU A 120 50.26 9.38 -28.12
CA LEU A 120 49.91 10.51 -28.97
C LEU A 120 48.93 11.43 -28.25
N HIS A 121 49.10 12.74 -28.46
CA HIS A 121 48.21 13.75 -27.90
C HIS A 121 48.07 13.59 -26.38
N GLY A 122 49.20 13.32 -25.72
CA GLY A 122 49.19 13.13 -24.29
C GLY A 122 50.59 13.23 -23.73
N ALA A 123 50.67 13.21 -22.41
CA ALA A 123 51.94 13.32 -21.70
C ALA A 123 52.08 12.15 -20.73
N VAL A 124 53.33 11.75 -20.48
CA VAL A 124 53.61 10.59 -19.65
C VAL A 124 53.78 11.02 -18.20
N ARG A 125 52.84 10.64 -17.35
CA ARG A 125 52.98 10.84 -15.91
C ARG A 125 53.52 9.56 -15.28
N PHE A 126 54.75 9.22 -15.70
CA PHE A 126 55.36 7.96 -15.33
C PHE A 126 55.97 8.11 -13.95
N SER A 127 55.10 8.20 -12.96
CA SER A 127 55.46 8.60 -11.62
C SER A 127 55.32 7.44 -10.65
N ASN A 128 56.01 7.56 -9.52
CA ASN A 128 55.92 6.61 -8.42
C ASN A 128 56.23 5.19 -8.92
N ASN A 129 57.43 5.06 -9.44
CA ASN A 129 57.88 3.78 -9.99
C ASN A 129 58.86 3.15 -9.00
N PRO A 130 58.39 2.77 -7.81
CA PRO A 130 59.32 2.19 -6.83
C PRO A 130 59.75 0.78 -7.18
N ALA A 131 58.83 -0.06 -7.63
CA ALA A 131 59.16 -1.44 -7.97
C ALA A 131 59.55 -1.64 -9.43
N LEU A 132 59.57 -0.57 -10.23
CA LEU A 132 59.88 -0.71 -11.65
C LEU A 132 61.37 -0.83 -11.89
N CYS A 133 61.77 -1.88 -12.61
CA CYS A 133 63.15 -2.06 -13.00
C CYS A 133 63.27 -2.02 -14.51
N ASN A 134 64.48 -1.68 -14.97
CA ASN A 134 64.83 -1.61 -16.39
C ASN A 134 64.12 -0.45 -17.08
N VAL A 135 63.28 0.27 -16.32
CA VAL A 135 62.55 1.39 -16.89
C VAL A 135 63.32 2.70 -16.83
N GLU A 136 64.08 2.92 -15.76
CA GLU A 136 64.87 4.15 -15.67
C GLU A 136 65.95 4.18 -16.73
N SER A 137 66.53 3.02 -17.04
CA SER A 137 67.58 2.96 -18.05
C SER A 137 67.06 3.41 -19.40
N ILE A 138 65.87 2.98 -19.76
CA ILE A 138 65.24 3.43 -20.99
C ILE A 138 64.74 4.85 -20.80
N GLN A 139 64.93 5.68 -21.82
CA GLN A 139 64.36 7.02 -21.78
C GLN A 139 62.84 6.96 -21.79
N TRP A 140 62.22 7.99 -21.23
CA TRP A 140 60.77 8.06 -21.13
C TRP A 140 60.18 9.14 -22.01
N ARG A 141 60.95 9.68 -22.94
CA ARG A 141 60.50 10.81 -23.75
C ARG A 141 60.21 10.46 -25.20
N ASP A 142 60.97 9.55 -25.80
CA ASP A 142 60.74 9.23 -27.20
C ASP A 142 59.38 8.57 -27.42
N ILE A 143 58.76 8.05 -26.35
CA ILE A 143 57.43 7.43 -26.46
C ILE A 143 56.31 8.46 -26.48
N VAL A 144 56.62 9.74 -26.41
CA VAL A 144 55.64 10.80 -26.51
C VAL A 144 56.19 11.84 -27.47
N SER A 145 55.29 12.65 -28.04
CA SER A 145 55.67 13.63 -29.05
C SER A 145 55.12 15.00 -28.67
N SER A 146 56.02 15.98 -28.56
CA SER A 146 55.65 17.38 -28.42
C SER A 146 54.77 17.65 -27.21
N ASP A 147 54.89 16.82 -26.18
CA ASP A 147 54.19 17.06 -24.92
C ASP A 147 55.13 16.87 -23.75
N PHE A 148 56.42 17.13 -23.98
CA PHE A 148 57.41 16.95 -22.91
C PHE A 148 57.26 17.99 -21.82
N LEU A 149 56.50 19.06 -22.08
CA LEU A 149 56.25 20.06 -21.05
C LEU A 149 55.53 19.46 -19.87
N SER A 150 54.54 18.62 -20.13
CA SER A 150 53.82 17.91 -19.08
C SER A 150 54.38 16.51 -18.87
N ASN A 151 55.64 16.29 -19.20
CA ASN A 151 56.25 14.97 -19.13
C ASN A 151 57.02 14.91 -17.81
N MET A 152 56.33 14.45 -16.76
CA MET A 152 56.92 14.22 -15.45
C MET A 152 57.01 12.72 -15.19
N SER A 153 58.14 12.31 -14.62
CA SER A 153 58.36 10.89 -14.35
C SER A 153 59.38 10.74 -13.24
N MET A 154 59.03 9.94 -12.24
CA MET A 154 59.95 9.68 -11.15
C MET A 154 59.55 8.38 -10.48
N ASP A 155 60.48 7.80 -9.74
CA ASP A 155 60.21 6.57 -9.03
C ASP A 155 59.35 6.84 -7.79
N GLY A 173 70.89 0.64 -27.58
CA GLY A 173 71.25 1.69 -26.64
C GLY A 173 70.89 1.32 -25.22
N SER A 174 69.60 1.39 -24.90
CA SER A 174 69.10 1.03 -23.59
C SER A 174 67.92 0.09 -23.77
N CYS A 175 67.90 -0.98 -22.97
CA CYS A 175 66.79 -1.92 -23.03
C CYS A 175 65.51 -1.26 -22.53
N TRP A 176 64.38 -1.67 -23.09
CA TRP A 176 63.11 -1.06 -22.74
C TRP A 176 62.53 -1.69 -21.48
N GLY A 177 62.27 -2.99 -21.52
CA GLY A 177 61.57 -3.62 -20.43
C GLY A 177 62.32 -4.75 -19.76
N ALA A 178 61.60 -5.49 -18.91
CA ALA A 178 62.17 -6.64 -18.23
C ALA A 178 62.64 -7.66 -19.26
N GLY A 179 63.81 -8.23 -19.01
CA GLY A 179 64.41 -9.10 -19.99
C GLY A 179 65.10 -8.29 -21.07
N GLU A 180 66.36 -8.60 -21.33
CA GLU A 180 67.09 -7.89 -22.37
C GLU A 180 66.64 -8.29 -23.76
N GLU A 181 65.78 -9.31 -23.88
CA GLU A 181 65.27 -9.69 -25.19
C GLU A 181 64.45 -8.58 -25.83
N ASN A 182 63.97 -7.63 -25.03
CA ASN A 182 63.23 -6.49 -25.53
C ASN A 182 64.16 -5.31 -25.76
N CYS A 183 63.82 -4.49 -26.75
CA CYS A 183 64.58 -3.29 -27.08
C CYS A 183 63.60 -2.15 -27.30
N GLN A 184 64.13 -0.93 -27.27
CA GLN A 184 63.26 0.23 -27.42
C GLN A 184 62.78 0.40 -28.86
N LYS A 185 63.61 0.02 -29.84
CA LYS A 185 63.25 0.05 -31.26
C LYS A 185 62.86 1.47 -31.70
N LEU A 186 63.85 2.36 -31.60
CA LEU A 186 63.63 3.73 -32.05
C LEU A 186 63.37 3.76 -33.55
N THR A 187 62.38 4.56 -33.95
CA THR A 187 62.05 4.71 -35.36
C THR A 187 61.99 6.16 -35.82
N LYS A 188 61.84 7.11 -34.91
CA LYS A 188 61.85 8.53 -35.26
C LYS A 188 63.21 9.17 -35.03
N ILE A 189 63.83 8.90 -33.88
CA ILE A 189 65.14 9.43 -33.57
C ILE A 189 66.22 8.57 -34.22
N GLN A 211 50.57 7.82 -41.29
CA GLN A 211 51.70 8.14 -40.44
C GLN A 211 51.84 7.15 -39.30
N CYS A 212 52.86 6.29 -39.41
CA CYS A 212 53.10 5.29 -38.38
C CYS A 212 53.63 5.93 -37.12
N ALA A 213 53.26 5.34 -35.98
CA ALA A 213 53.76 5.77 -34.68
C ALA A 213 54.22 4.55 -33.89
N ALA A 214 53.63 3.39 -34.21
CA ALA A 214 53.99 2.13 -33.58
C ALA A 214 55.24 1.52 -34.20
N GLY A 215 56.09 2.35 -34.78
CA GLY A 215 57.29 1.88 -35.44
C GLY A 215 57.32 2.34 -36.87
N ASP A 223 51.57 2.07 -45.66
CA ASP A 223 50.69 1.15 -44.96
C ASP A 223 51.16 0.93 -43.53
N CYS A 224 50.86 1.88 -42.66
CA CYS A 224 51.34 1.84 -41.28
C CYS A 224 50.58 0.81 -40.46
N LEU A 225 51.29 0.24 -39.47
CA LEU A 225 50.66 -0.67 -38.52
C LEU A 225 49.65 0.04 -37.63
N VAL A 226 50.04 1.19 -37.09
CA VAL A 226 49.13 2.04 -36.32
C VAL A 226 49.11 3.41 -36.99
N CYS A 227 47.93 3.88 -37.36
CA CYS A 227 47.80 5.11 -38.11
C CYS A 227 47.78 6.31 -37.18
N ARG A 228 48.02 7.48 -37.75
CA ARG A 228 47.97 8.69 -36.93
C ARG A 228 46.57 8.90 -36.37
N LYS A 229 45.57 8.94 -37.25
CA LYS A 229 44.20 9.17 -36.82
C LYS A 229 43.26 8.02 -37.18
N PHE A 230 43.20 7.61 -38.44
CA PHE A 230 42.26 6.58 -38.85
C PHE A 230 42.98 5.55 -39.71
N ARG A 231 42.78 4.27 -39.39
CA ARG A 231 43.30 3.17 -40.20
C ARG A 231 42.14 2.22 -40.47
N ASP A 232 41.52 2.38 -41.63
CA ASP A 232 40.31 1.62 -41.95
C ASP A 232 40.61 0.13 -41.95
N GLU A 233 41.41 -0.33 -42.91
CA GLU A 233 41.85 -1.71 -42.93
C GLU A 233 43.36 -1.82 -42.81
N ALA A 234 44.10 -1.16 -43.70
CA ALA A 234 45.55 -1.09 -43.61
C ALA A 234 46.13 0.29 -43.87
N THR A 235 45.45 1.16 -44.60
CA THR A 235 45.99 2.48 -44.86
C THR A 235 45.89 3.34 -43.62
N CYS A 236 46.76 4.33 -43.55
CA CYS A 236 46.73 5.32 -42.49
C CYS A 236 46.08 6.57 -43.04
N LYS A 237 44.98 7.00 -42.43
CA LYS A 237 44.26 8.17 -42.91
C LYS A 237 43.94 9.05 -41.72
N ASP A 238 44.03 10.36 -41.94
CA ASP A 238 43.65 11.25 -40.86
C ASP A 238 42.15 11.22 -40.64
N THR A 239 41.38 11.07 -41.71
CA THR A 239 39.93 11.07 -41.63
C THR A 239 39.37 10.03 -42.58
N CYS A 240 38.31 9.37 -42.15
CA CYS A 240 37.66 8.36 -42.96
C CYS A 240 36.92 9.01 -44.14
N PRO A 241 36.56 8.22 -45.15
CA PRO A 241 35.65 8.72 -46.18
C PRO A 241 34.34 9.17 -45.55
N PRO A 242 33.89 10.39 -45.84
CA PRO A 242 32.69 10.90 -45.18
C PRO A 242 31.47 10.08 -45.52
N LEU A 243 30.51 10.03 -44.60
CA LEU A 243 29.22 9.47 -44.95
C LEU A 243 28.52 10.30 -46.01
N MET A 244 28.86 11.58 -46.13
CA MET A 244 28.23 12.45 -47.10
C MET A 244 29.29 13.19 -47.90
N LEU A 245 29.19 13.10 -49.22
CA LEU A 245 30.10 13.80 -50.11
C LEU A 245 29.28 14.64 -51.08
N TYR A 246 29.67 15.89 -51.21
CA TYR A 246 28.91 16.83 -52.02
C TYR A 246 28.79 16.36 -53.46
N ASN A 247 27.63 16.59 -54.05
CA ASN A 247 27.43 16.27 -55.47
C ASN A 247 27.31 17.56 -56.26
N PRO A 248 28.38 18.07 -56.84
CA PRO A 248 28.23 19.17 -57.80
C PRO A 248 27.41 18.77 -58.99
N THR A 249 27.31 17.48 -59.29
CA THR A 249 26.39 17.02 -60.32
C THR A 249 24.95 17.34 -59.92
N THR A 250 24.62 17.17 -58.65
CA THR A 250 23.38 17.70 -58.13
C THR A 250 23.50 19.18 -57.81
N TYR A 251 24.66 19.77 -58.07
CA TYR A 251 24.97 21.13 -57.63
C TYR A 251 24.71 21.26 -56.14
N GLN A 252 24.82 20.15 -55.42
CA GLN A 252 24.32 20.07 -54.06
C GLN A 252 25.25 19.19 -53.25
N MET A 253 25.32 19.47 -51.95
CA MET A 253 26.19 18.72 -51.05
C MET A 253 25.50 17.40 -50.71
N ASP A 254 25.91 16.34 -51.36
CA ASP A 254 25.18 15.09 -51.29
C ASP A 254 25.80 14.15 -50.27
N VAL A 255 25.30 12.94 -50.25
CA VAL A 255 25.89 11.87 -49.47
C VAL A 255 27.07 11.30 -50.25
N ASN A 256 27.88 10.51 -49.57
CA ASN A 256 28.98 9.83 -50.21
C ASN A 256 28.58 8.39 -50.47
N PRO A 257 28.54 7.94 -51.72
CA PRO A 257 28.22 6.52 -51.96
C PRO A 257 29.17 5.59 -51.27
N GLU A 258 30.44 5.97 -51.16
CA GLU A 258 31.41 5.23 -50.37
C GLU A 258 31.43 5.71 -48.93
N GLY A 259 30.30 6.14 -48.40
CA GLY A 259 30.20 6.65 -47.05
C GLY A 259 30.75 5.70 -46.01
N LYS A 260 31.58 6.20 -45.10
CA LYS A 260 32.28 5.36 -44.14
C LYS A 260 32.30 6.04 -42.78
N TYR A 261 31.53 5.50 -41.85
CA TYR A 261 31.64 5.91 -40.46
C TYR A 261 32.98 5.48 -39.87
N SER A 262 33.49 6.30 -38.94
CA SER A 262 34.80 6.08 -38.34
C SER A 262 34.64 5.39 -36.98
N PHE A 263 34.57 4.07 -37.02
CA PHE A 263 34.46 3.29 -35.79
C PHE A 263 35.83 3.20 -35.14
N GLY A 264 35.97 3.80 -33.96
CA GLY A 264 37.28 3.89 -33.37
C GLY A 264 38.24 4.63 -34.27
N ALA A 265 39.16 3.90 -34.89
CA ALA A 265 40.11 4.47 -35.84
C ALA A 265 40.01 3.81 -37.20
N THR A 266 38.97 3.05 -37.46
CA THR A 266 38.81 2.39 -38.74
C THR A 266 37.47 2.79 -39.33
N CYS A 267 37.46 2.99 -40.63
CA CYS A 267 36.27 3.41 -41.34
C CYS A 267 35.43 2.18 -41.66
N VAL A 268 34.12 2.28 -41.47
CA VAL A 268 33.21 1.19 -41.75
C VAL A 268 32.09 1.71 -42.63
N LYS A 269 31.79 0.98 -43.71
CA LYS A 269 30.64 1.34 -44.53
C LYS A 269 29.34 1.22 -43.73
N LYS A 270 29.24 0.19 -42.89
CA LYS A 270 28.07 0.01 -42.04
C LYS A 270 28.48 0.18 -40.58
N CYS A 271 27.74 1.02 -39.86
CA CYS A 271 28.09 1.32 -38.48
C CYS A 271 27.89 0.05 -37.66
N PRO A 272 28.95 -0.58 -37.23
CA PRO A 272 28.81 -1.92 -36.67
C PRO A 272 28.56 -1.93 -35.19
N ARG A 273 28.67 -3.13 -34.61
CA ARG A 273 28.70 -3.33 -33.16
C ARG A 273 27.43 -2.81 -32.51
N ASN A 274 26.33 -2.86 -33.25
CA ASN A 274 25.10 -2.25 -32.81
C ASN A 274 25.36 -0.81 -32.40
N TYR A 275 26.37 -0.19 -33.00
CA TYR A 275 26.65 1.18 -32.63
C TYR A 275 25.83 2.13 -33.49
N VAL A 276 25.39 3.19 -32.88
CA VAL A 276 24.49 4.13 -33.52
C VAL A 276 25.31 5.28 -34.06
N VAL A 277 25.00 5.69 -35.28
CA VAL A 277 25.72 6.80 -35.89
C VAL A 277 25.54 8.02 -35.01
N THR A 278 26.66 8.67 -34.68
CA THR A 278 26.65 9.85 -33.85
C THR A 278 26.82 11.12 -34.69
N ASP A 279 26.74 12.26 -34.03
CA ASP A 279 26.81 13.54 -34.73
C ASP A 279 28.13 13.70 -35.46
N HIS A 280 29.24 13.51 -34.75
CA HIS A 280 30.54 13.60 -35.40
C HIS A 280 30.77 12.47 -36.38
N GLY A 281 29.91 11.44 -36.35
CA GLY A 281 30.04 10.30 -37.22
C GLY A 281 30.63 9.09 -36.56
N SER A 282 31.41 9.28 -35.50
CA SER A 282 31.96 8.15 -34.77
C SER A 282 30.82 7.51 -34.02
N CYS A 283 30.33 6.39 -34.52
CA CYS A 283 29.20 5.76 -33.87
C CYS A 283 29.56 5.45 -32.42
N VAL A 284 28.74 5.91 -31.51
CA VAL A 284 28.96 5.66 -30.10
C VAL A 284 27.76 4.86 -29.63
N ARG A 285 27.98 4.06 -28.61
CA ARG A 285 26.93 3.20 -28.13
C ARG A 285 26.00 3.93 -27.18
N ALA A 286 26.21 5.22 -26.95
CA ALA A 286 25.36 6.01 -26.06
C ALA A 286 25.50 7.48 -26.46
N CYS A 287 24.43 8.02 -27.06
CA CYS A 287 24.34 9.44 -27.36
C CYS A 287 23.02 10.03 -26.88
N GLY A 288 22.61 9.67 -25.66
CA GLY A 288 21.40 10.21 -25.07
C GLY A 288 21.55 11.56 -24.42
N ALA A 289 22.72 12.17 -24.51
CA ALA A 289 23.00 13.45 -23.89
C ALA A 289 22.87 14.54 -24.94
N ASP A 290 22.01 15.53 -24.67
CA ASP A 290 21.82 16.68 -25.56
C ASP A 290 21.45 16.24 -26.97
N SER A 291 20.85 15.06 -27.08
CA SER A 291 20.51 14.51 -28.37
C SER A 291 19.44 13.45 -28.14
N TYR A 292 19.07 12.76 -29.21
CA TYR A 292 18.09 11.69 -29.12
C TYR A 292 18.41 10.68 -30.20
N GLU A 293 18.06 9.44 -29.95
CA GLU A 293 18.32 8.40 -30.93
C GLU A 293 17.22 8.46 -31.96
N MET A 294 17.59 8.26 -33.22
CA MET A 294 16.63 8.21 -34.29
C MET A 294 16.94 6.99 -35.15
N GLU A 295 15.95 6.55 -35.90
CA GLU A 295 16.11 5.46 -36.84
C GLU A 295 15.52 5.90 -38.17
N GLU A 296 16.29 6.67 -38.93
CA GLU A 296 15.91 7.13 -40.25
C GLU A 296 16.36 6.18 -41.35
N ASP A 297 17.08 5.14 -40.99
CA ASP A 297 17.48 4.10 -41.93
C ASP A 297 17.58 2.80 -41.15
N GLY A 298 18.23 1.80 -41.72
CA GLY A 298 18.37 0.54 -41.04
C GLY A 298 19.26 0.59 -39.82
N VAL A 299 19.94 1.71 -39.60
CA VAL A 299 20.86 1.87 -38.49
C VAL A 299 20.31 2.96 -37.57
N ARG A 300 20.28 2.67 -36.28
CA ARG A 300 19.89 3.69 -35.32
C ARG A 300 20.88 4.83 -35.37
N LYS A 301 20.37 6.05 -35.33
CA LYS A 301 21.19 7.24 -35.37
C LYS A 301 20.84 8.12 -34.17
N CYS A 302 21.80 8.87 -33.69
CA CYS A 302 21.59 9.79 -32.58
C CYS A 302 21.33 11.18 -33.14
N LYS A 303 20.11 11.69 -32.94
CA LYS A 303 19.74 13.01 -33.42
C LYS A 303 19.72 13.97 -32.24
N LYS A 304 19.99 15.23 -32.51
CA LYS A 304 20.01 16.20 -31.43
C LYS A 304 18.62 16.34 -30.84
N CYS A 305 18.58 16.71 -29.57
CA CYS A 305 17.33 16.73 -28.81
C CYS A 305 16.54 17.99 -29.19
N GLU A 306 15.46 17.81 -29.94
CA GLU A 306 14.56 18.91 -30.28
C GLU A 306 13.80 19.34 -29.03
N GLY A 307 14.10 20.54 -28.53
CA GLY A 307 13.58 20.98 -27.27
C GLY A 307 13.99 19.98 -26.21
N PRO A 308 13.04 19.50 -25.44
CA PRO A 308 13.32 18.29 -24.66
C PRO A 308 13.15 17.09 -25.56
N CYS A 309 14.06 16.13 -25.49
CA CYS A 309 13.83 14.89 -26.19
C CYS A 309 13.08 13.92 -25.28
N ARG A 310 12.49 12.90 -25.89
CA ARG A 310 11.52 12.08 -25.18
C ARG A 310 12.15 11.43 -23.97
N LYS A 311 11.47 11.53 -22.83
CA LYS A 311 11.95 10.95 -21.58
C LYS A 311 10.74 10.72 -20.70
N VAL A 312 10.13 9.53 -20.81
CA VAL A 312 8.96 9.21 -20.01
C VAL A 312 9.33 9.25 -18.54
N CYS A 313 8.40 9.69 -17.72
CA CYS A 313 8.59 9.64 -16.29
C CYS A 313 7.28 9.23 -15.67
N ASN A 314 7.35 8.37 -14.66
CA ASN A 314 6.14 7.97 -13.97
C ASN A 314 5.53 9.20 -13.33
N GLY A 315 4.22 9.32 -13.51
CA GLY A 315 3.48 10.45 -13.01
C GLY A 315 2.85 10.17 -11.65
N ILE A 316 2.08 11.14 -11.18
CA ILE A 316 1.42 11.00 -9.91
C ILE A 316 0.35 9.95 -10.13
N GLY A 317 0.39 8.89 -9.34
CA GLY A 317 -0.55 7.81 -9.40
C GLY A 317 0.02 6.50 -9.87
N ILE A 318 1.04 6.53 -10.73
CA ILE A 318 1.59 5.33 -11.34
C ILE A 318 3.07 5.32 -11.10
N GLY A 319 3.56 4.23 -10.53
CA GLY A 319 4.99 4.09 -10.33
C GLY A 319 5.44 4.59 -8.99
N GLU A 320 6.68 5.09 -8.93
CA GLU A 320 7.28 5.39 -7.64
C GLU A 320 6.43 6.33 -6.82
N PHE A 321 5.64 7.17 -7.45
CA PHE A 321 4.72 8.03 -6.71
C PHE A 321 3.33 7.41 -6.62
N LYS A 322 3.22 6.10 -6.80
CA LYS A 322 1.90 5.47 -6.96
C LYS A 322 0.98 5.83 -5.80
N ASP A 323 1.54 5.98 -4.62
CA ASP A 323 0.74 6.43 -3.50
C ASP A 323 0.70 7.93 -3.39
N SER A 324 1.52 8.63 -4.14
CA SER A 324 1.61 10.05 -3.89
C SER A 324 0.31 10.71 -4.30
N LEU A 325 0.00 11.81 -3.62
CA LEU A 325 -1.25 12.48 -3.84
C LEU A 325 -1.16 13.71 -4.69
N SER A 326 0.03 14.11 -5.13
CA SER A 326 0.19 15.34 -5.92
C SER A 326 1.61 15.43 -6.44
N ILE A 327 1.85 16.43 -7.26
CA ILE A 327 3.21 16.83 -7.51
C ILE A 327 3.65 17.39 -6.17
N ASN A 328 4.25 16.53 -5.35
CA ASN A 328 4.80 16.97 -4.09
C ASN A 328 6.14 17.65 -4.34
N ALA A 329 6.58 18.48 -3.39
CA ALA A 329 7.88 19.10 -3.58
C ALA A 329 8.98 18.06 -3.47
N THR A 330 8.88 17.17 -2.50
CA THR A 330 9.75 16.01 -2.50
C THR A 330 9.49 15.14 -3.72
N ASN A 331 8.56 15.54 -4.57
CA ASN A 331 8.31 14.82 -5.81
C ASN A 331 8.49 15.67 -7.04
N ILE A 332 8.64 16.98 -6.90
CA ILE A 332 8.67 17.83 -8.09
C ILE A 332 9.95 17.60 -8.89
N LYS A 333 11.07 17.42 -8.20
CA LYS A 333 12.36 17.38 -8.89
C LYS A 333 12.48 16.17 -9.79
N HIS A 334 12.02 15.00 -9.33
CA HIS A 334 12.24 13.80 -10.11
C HIS A 334 11.54 13.85 -11.45
N PHE A 335 10.64 14.81 -11.63
CA PHE A 335 10.04 15.05 -12.92
C PHE A 335 10.84 16.04 -13.73
N LYS A 336 12.04 16.40 -13.28
CA LYS A 336 12.86 17.33 -14.05
C LYS A 336 13.12 16.76 -15.44
N ASN A 337 12.82 17.56 -16.45
CA ASN A 337 12.97 17.15 -17.83
C ASN A 337 12.14 15.91 -18.15
N CYS A 338 11.03 15.72 -17.45
CA CYS A 338 10.11 14.63 -17.75
C CYS A 338 9.35 15.01 -19.01
N THR A 339 9.47 14.21 -20.06
CA THR A 339 8.83 14.61 -21.32
C THR A 339 7.34 14.29 -21.33
N SER A 340 6.98 13.00 -21.26
CA SER A 340 5.57 12.59 -21.32
C SER A 340 5.15 11.93 -20.02
N ILE A 341 4.77 12.74 -19.03
CA ILE A 341 4.44 12.19 -17.71
C ILE A 341 3.33 11.17 -17.85
N SER A 342 3.62 9.94 -17.45
CA SER A 342 2.83 8.79 -17.86
C SER A 342 1.63 8.53 -16.97
N GLY A 343 1.44 9.31 -15.92
CA GLY A 343 0.40 8.98 -14.97
C GLY A 343 -0.73 9.98 -14.97
N ASP A 344 -0.74 10.85 -13.97
CA ASP A 344 -1.68 11.98 -14.00
C ASP A 344 -1.13 13.04 -13.08
N LEU A 345 -0.70 14.17 -13.64
CA LEU A 345 -0.30 15.30 -12.83
C LEU A 345 -1.52 15.98 -12.24
N HIS A 346 -1.52 16.17 -10.92
CA HIS A 346 -2.73 16.50 -10.19
C HIS A 346 -2.45 17.56 -9.13
N ILE A 347 -1.69 18.59 -9.48
CA ILE A 347 -1.17 19.53 -8.50
C ILE A 347 -2.28 20.03 -7.59
N LEU A 348 -2.33 19.58 -6.35
CA LEU A 348 -3.51 19.79 -5.54
C LEU A 348 -3.18 20.69 -4.39
N PRO A 349 -4.19 21.30 -3.77
CA PRO A 349 -3.91 22.44 -2.90
C PRO A 349 -2.96 22.11 -1.77
N VAL A 350 -2.93 20.88 -1.29
CA VAL A 350 -1.97 20.58 -0.25
C VAL A 350 -0.56 20.79 -0.76
N ALA A 351 -0.32 20.61 -2.04
CA ALA A 351 1.06 20.67 -2.51
C ALA A 351 1.65 22.05 -2.31
N PHE A 352 1.08 23.06 -2.94
CA PHE A 352 1.56 24.41 -2.67
C PHE A 352 1.39 24.75 -1.19
N ARG A 353 0.45 24.10 -0.52
CA ARG A 353 0.48 24.23 0.93
C ARG A 353 1.63 23.44 1.52
N GLY A 354 2.04 22.35 0.88
CA GLY A 354 3.04 21.44 1.43
C GLY A 354 2.48 20.61 2.57
N ASP A 355 2.70 19.30 2.61
CA ASP A 355 1.90 18.41 3.46
C ASP A 355 2.66 18.02 4.71
N SER A 356 1.94 17.79 5.79
CA SER A 356 2.60 17.31 7.00
C SER A 356 2.62 15.80 7.10
N PHE A 357 1.52 15.11 6.83
CA PHE A 357 1.52 13.68 7.02
C PHE A 357 2.36 12.97 6.00
N THR A 358 2.52 13.54 4.81
CA THR A 358 3.38 12.90 3.84
C THR A 358 4.80 13.42 3.87
N HIS A 359 5.08 14.42 4.70
CA HIS A 359 6.43 14.99 4.81
C HIS A 359 6.93 15.43 3.45
N THR A 360 6.33 16.49 2.94
CA THR A 360 6.84 17.11 1.73
C THR A 360 6.96 18.60 2.00
N PRO A 361 8.17 19.15 1.98
CA PRO A 361 8.32 20.57 2.24
C PRO A 361 7.58 21.39 1.22
N PRO A 362 7.30 22.65 1.49
CA PRO A 362 6.47 23.41 0.55
C PRO A 362 7.18 23.58 -0.78
N LEU A 363 6.47 23.30 -1.87
CA LEU A 363 7.07 23.45 -3.18
C LEU A 363 7.29 24.92 -3.46
N ASP A 364 8.54 25.29 -3.68
CA ASP A 364 8.84 26.69 -3.92
C ASP A 364 8.12 27.11 -5.19
N PRO A 365 7.32 28.17 -5.17
CA PRO A 365 6.48 28.45 -6.33
C PRO A 365 7.29 28.57 -7.60
N GLN A 366 8.53 29.03 -7.52
CA GLN A 366 9.33 29.04 -8.73
C GLN A 366 9.67 27.64 -9.20
N GLU A 367 9.68 26.65 -8.31
CA GLU A 367 10.06 25.32 -8.76
C GLU A 367 9.04 24.69 -9.68
N LEU A 368 7.83 25.24 -9.74
CA LEU A 368 6.84 24.68 -10.64
C LEU A 368 7.25 24.85 -12.09
N ASP A 369 8.26 25.68 -12.36
CA ASP A 369 8.76 25.76 -13.71
C ASP A 369 9.37 24.46 -14.17
N ILE A 370 9.65 23.53 -13.26
CA ILE A 370 10.26 22.28 -13.67
C ILE A 370 9.34 21.54 -14.63
N LEU A 371 8.06 21.50 -14.32
CA LEU A 371 7.18 20.68 -15.16
C LEU A 371 6.95 21.29 -16.53
N LYS A 372 7.41 22.52 -16.76
CA LYS A 372 7.07 23.20 -18.01
C LYS A 372 7.59 22.44 -19.23
N THR A 373 8.54 21.55 -19.06
CA THR A 373 8.98 20.74 -20.18
C THR A 373 7.95 19.68 -20.54
N VAL A 374 6.89 19.55 -19.75
CA VAL A 374 5.90 18.51 -20.02
C VAL A 374 5.37 18.69 -21.44
N LYS A 375 5.20 17.59 -22.16
CA LYS A 375 4.72 17.66 -23.53
C LYS A 375 3.61 16.66 -23.85
N GLU A 376 3.09 15.95 -22.85
CA GLU A 376 1.96 15.05 -22.98
C GLU A 376 1.60 14.63 -21.57
N ILE A 377 0.32 14.41 -21.30
CA ILE A 377 0.03 13.97 -19.95
C ILE A 377 -0.99 12.86 -20.00
N THR A 378 -0.52 11.65 -20.25
CA THR A 378 -1.43 10.52 -20.43
C THR A 378 -2.14 10.21 -19.11
N GLY A 379 -3.01 11.12 -18.71
CA GLY A 379 -3.83 10.95 -17.54
C GLY A 379 -4.87 12.04 -17.37
N PHE A 380 -5.09 12.50 -16.14
CA PHE A 380 -6.06 13.53 -15.83
C PHE A 380 -5.41 14.61 -14.99
N LEU A 381 -5.36 15.83 -15.51
CA LEU A 381 -4.61 16.92 -14.90
C LEU A 381 -5.57 17.85 -14.19
N LEU A 382 -5.72 17.72 -12.88
CA LEU A 382 -6.68 18.51 -12.13
C LEU A 382 -5.95 19.55 -11.28
N ILE A 383 -5.62 20.68 -11.90
CA ILE A 383 -4.66 21.63 -11.38
C ILE A 383 -5.41 22.57 -10.46
N GLN A 384 -5.57 22.19 -9.21
CA GLN A 384 -6.48 22.89 -8.33
C GLN A 384 -5.85 24.02 -7.53
N ALA A 385 -4.66 24.50 -7.92
CA ALA A 385 -4.15 25.84 -7.56
C ALA A 385 -2.83 26.08 -8.27
N TRP A 386 -2.54 27.32 -8.62
CA TRP A 386 -1.21 27.69 -9.08
C TRP A 386 -0.84 28.99 -8.39
N PRO A 387 0.44 29.33 -8.34
CA PRO A 387 0.85 30.52 -7.58
C PRO A 387 0.11 31.76 -8.06
N GLU A 388 -0.39 32.55 -7.11
CA GLU A 388 -1.20 33.70 -7.47
C GLU A 388 -0.38 34.80 -8.15
N ASN A 389 0.89 34.95 -7.81
CA ASN A 389 1.67 36.00 -8.43
C ASN A 389 1.88 35.76 -9.91
N ARG A 390 1.58 34.56 -10.40
CA ARG A 390 1.53 34.31 -11.82
C ARG A 390 0.08 34.32 -12.25
N THR A 391 -0.24 35.03 -13.32
CA THR A 391 -1.62 35.18 -13.73
C THR A 391 -2.04 34.21 -14.82
N ASP A 392 -1.16 33.31 -15.22
CA ASP A 392 -1.48 32.35 -16.26
C ASP A 392 -0.89 31.02 -15.86
N LEU A 393 -1.52 29.94 -16.30
CA LEU A 393 -0.97 28.63 -16.02
C LEU A 393 0.21 28.44 -16.95
N HIS A 394 1.21 29.30 -16.73
CA HIS A 394 2.39 29.30 -17.58
C HIS A 394 3.22 28.05 -17.38
N ALA A 395 3.02 27.36 -16.27
CA ALA A 395 3.81 26.17 -15.99
C ALA A 395 3.46 24.98 -16.87
N PHE A 396 2.32 24.96 -17.55
CA PHE A 396 2.02 23.87 -18.46
C PHE A 396 1.94 24.39 -19.88
N GLU A 397 2.59 25.52 -20.11
CA GLU A 397 2.65 26.15 -21.40
C GLU A 397 3.32 25.31 -22.46
N ASN A 398 3.57 24.04 -22.21
CA ASN A 398 3.90 23.15 -23.30
C ASN A 398 3.03 21.90 -23.33
N LEU A 399 1.97 21.82 -22.52
CA LEU A 399 1.12 20.64 -22.58
C LEU A 399 0.58 20.49 -23.98
N GLU A 400 0.68 19.29 -24.55
CA GLU A 400 0.49 19.16 -25.98
C GLU A 400 -0.56 18.13 -26.35
N ILE A 401 -0.83 17.18 -25.47
CA ILE A 401 -1.97 16.28 -25.60
C ILE A 401 -2.36 15.82 -24.21
N ILE A 402 -3.64 15.81 -23.92
CA ILE A 402 -4.04 15.55 -22.55
C ILE A 402 -4.85 14.26 -22.48
N ARG A 403 -4.48 13.28 -23.29
CA ARG A 403 -5.15 11.97 -23.32
C ARG A 403 -5.48 11.45 -21.95
N GLY A 404 -6.75 11.21 -21.71
CA GLY A 404 -7.18 10.72 -20.43
C GLY A 404 -7.32 9.22 -20.36
N ARG A 405 -6.19 8.51 -20.40
CA ARG A 405 -6.22 7.07 -20.19
C ARG A 405 -6.90 6.74 -18.88
N THR A 406 -6.73 7.59 -17.89
CA THR A 406 -7.60 7.63 -16.73
C THR A 406 -8.19 9.02 -16.67
N LYS A 407 -9.41 9.14 -16.17
CA LYS A 407 -10.03 10.44 -16.03
C LYS A 407 -10.46 10.64 -14.58
N GLN A 408 -10.06 11.76 -13.99
CA GLN A 408 -10.44 12.03 -12.62
C GLN A 408 -11.95 12.18 -12.54
N HIS A 409 -12.58 11.35 -11.72
CA HIS A 409 -14.02 11.18 -11.72
C HIS A 409 -14.53 10.70 -13.06
N GLY A 410 -13.65 10.24 -13.95
CA GLY A 410 -14.11 9.66 -15.19
C GLY A 410 -14.76 10.61 -16.16
N GLN A 411 -14.80 11.90 -15.86
CA GLN A 411 -15.56 12.85 -16.66
C GLN A 411 -14.72 14.06 -17.05
N PHE A 412 -13.65 14.31 -16.31
CA PHE A 412 -12.86 15.50 -16.52
C PHE A 412 -11.45 15.13 -16.98
N SER A 413 -10.95 15.85 -17.99
CA SER A 413 -9.61 15.62 -18.52
C SER A 413 -8.64 16.78 -18.28
N LEU A 414 -9.02 18.02 -18.61
CA LEU A 414 -8.31 19.23 -18.19
C LEU A 414 -9.22 19.98 -17.23
N ALA A 415 -8.78 20.17 -15.98
CA ALA A 415 -9.72 20.47 -14.93
C ALA A 415 -9.31 21.66 -14.07
N VAL A 416 -8.85 22.74 -14.66
CA VAL A 416 -8.45 23.88 -13.86
C VAL A 416 -9.62 24.41 -13.07
N VAL A 417 -9.62 24.21 -11.75
CA VAL A 417 -10.79 24.46 -10.91
C VAL A 417 -10.39 25.28 -9.69
N SER A 418 -10.94 26.49 -9.59
CA SER A 418 -10.70 27.41 -8.48
C SER A 418 -9.23 27.81 -8.37
N LEU A 419 -8.70 28.35 -9.46
CA LEU A 419 -7.38 28.93 -9.50
C LEU A 419 -7.51 30.42 -9.23
N ASN A 420 -6.48 31.16 -9.61
CA ASN A 420 -6.54 32.61 -9.69
C ASN A 420 -5.83 33.13 -10.92
N ILE A 421 -6.03 32.48 -12.05
CA ILE A 421 -5.28 32.80 -13.26
C ILE A 421 -6.05 33.81 -14.08
N THR A 422 -5.33 34.73 -14.73
CA THR A 422 -5.98 35.73 -15.57
C THR A 422 -6.53 35.10 -16.83
N SER A 423 -5.69 34.41 -17.59
CA SER A 423 -6.12 33.64 -18.75
C SER A 423 -5.68 32.20 -18.57
N LEU A 424 -6.52 31.26 -19.01
CA LEU A 424 -6.15 29.87 -18.83
C LEU A 424 -4.82 29.59 -19.49
N GLY A 425 -4.59 30.16 -20.66
CA GLY A 425 -3.23 30.34 -21.13
C GLY A 425 -2.47 29.09 -21.51
N LEU A 426 -3.07 27.92 -21.38
CA LEU A 426 -2.37 26.69 -21.72
C LEU A 426 -2.13 26.73 -23.23
N ARG A 427 -1.01 27.35 -23.58
CA ARG A 427 -0.84 27.94 -24.90
C ARG A 427 -0.83 26.94 -26.06
N SER A 428 -0.61 25.64 -25.83
CA SER A 428 -0.51 24.71 -26.96
C SER A 428 -1.41 23.50 -26.86
N LEU A 429 -2.18 23.32 -25.80
CA LEU A 429 -3.01 22.12 -25.67
C LEU A 429 -4.02 22.03 -26.80
N LYS A 430 -3.73 21.22 -27.79
CA LYS A 430 -4.59 21.19 -28.96
C LYS A 430 -5.26 19.84 -29.16
N GLU A 431 -5.15 18.91 -28.22
CA GLU A 431 -5.88 17.64 -28.26
C GLU A 431 -6.18 17.20 -26.84
N ILE A 432 -7.34 17.59 -26.32
CA ILE A 432 -7.85 17.07 -25.08
C ILE A 432 -8.57 15.80 -25.50
N SER A 433 -7.87 14.67 -25.42
CA SER A 433 -8.28 13.46 -26.15
C SER A 433 -9.49 12.80 -25.52
N ASP A 434 -9.39 12.42 -24.26
CA ASP A 434 -10.39 11.53 -23.71
C ASP A 434 -11.53 12.27 -23.03
N GLY A 435 -11.28 12.82 -21.87
CA GLY A 435 -12.37 13.24 -21.03
C GLY A 435 -12.99 14.52 -21.49
N ASP A 436 -13.93 15.03 -20.69
CA ASP A 436 -14.46 16.37 -20.86
C ASP A 436 -13.61 17.34 -20.06
N VAL A 437 -13.84 18.64 -20.24
CA VAL A 437 -13.02 19.67 -19.59
C VAL A 437 -13.95 20.53 -18.75
N ILE A 438 -13.62 20.70 -17.48
CA ILE A 438 -14.37 21.57 -16.59
C ILE A 438 -13.40 22.62 -16.12
N ILE A 439 -13.65 23.88 -16.46
CA ILE A 439 -12.78 24.98 -16.06
C ILE A 439 -13.66 25.93 -15.24
N SER A 440 -13.70 25.72 -13.94
CA SER A 440 -14.70 26.33 -13.07
C SER A 440 -13.99 27.17 -12.03
N GLY A 441 -14.76 27.92 -11.26
CA GLY A 441 -14.20 28.63 -10.15
C GLY A 441 -13.17 29.68 -10.50
N ASN A 442 -12.69 29.70 -11.74
CA ASN A 442 -11.65 30.63 -12.14
C ASN A 442 -12.25 32.02 -12.16
N LYS A 443 -12.33 32.60 -10.96
CA LYS A 443 -13.06 33.85 -10.79
C LYS A 443 -12.43 35.00 -11.55
N ASN A 444 -11.17 34.91 -11.93
CA ASN A 444 -10.52 35.96 -12.69
C ASN A 444 -9.97 35.43 -14.01
N LEU A 445 -10.61 34.43 -14.59
CA LEU A 445 -10.27 33.95 -15.92
C LEU A 445 -11.35 34.41 -16.88
N CYS A 446 -10.95 35.15 -17.90
CA CYS A 446 -11.88 35.70 -18.85
C CYS A 446 -11.73 35.16 -20.26
N TYR A 447 -10.52 35.06 -20.79
CA TYR A 447 -10.41 34.56 -22.14
C TYR A 447 -10.89 33.12 -22.28
N ALA A 448 -11.43 32.53 -21.22
CA ALA A 448 -11.79 31.12 -21.25
C ALA A 448 -12.96 30.86 -22.20
N ASN A 449 -14.04 31.63 -22.08
CA ASN A 449 -15.28 31.23 -22.71
C ASN A 449 -15.19 31.23 -24.23
N THR A 450 -14.47 32.18 -24.80
CA THR A 450 -14.53 32.31 -26.25
C THR A 450 -13.91 31.11 -26.96
N ILE A 451 -13.13 30.30 -26.26
CA ILE A 451 -12.55 29.14 -26.91
C ILE A 451 -13.65 28.15 -27.30
N ASN A 452 -13.52 27.56 -28.49
CA ASN A 452 -14.50 26.64 -29.04
C ASN A 452 -14.00 25.21 -28.82
N TRP A 453 -14.52 24.55 -27.79
CA TRP A 453 -13.88 23.36 -27.28
C TRP A 453 -14.11 22.13 -28.14
N LYS A 454 -14.90 22.24 -29.22
CA LYS A 454 -15.11 21.07 -30.07
C LYS A 454 -13.86 20.67 -30.83
N LYS A 455 -13.09 21.63 -31.33
CA LYS A 455 -11.86 21.28 -32.02
C LYS A 455 -10.85 20.71 -31.03
N LEU A 456 -10.99 21.06 -29.75
CA LEU A 456 -10.08 20.51 -28.74
C LEU A 456 -10.47 19.09 -28.34
N PHE A 457 -11.76 18.80 -28.23
CA PHE A 457 -12.15 17.47 -27.79
C PHE A 457 -11.83 16.46 -28.89
N GLY A 458 -11.38 15.28 -28.49
CA GLY A 458 -10.98 14.30 -29.48
C GLY A 458 -12.00 13.21 -29.70
N THR A 459 -12.90 13.02 -28.74
CA THR A 459 -13.93 12.00 -28.87
C THR A 459 -15.28 12.64 -28.60
N SER A 460 -16.30 12.10 -29.24
CA SER A 460 -17.58 12.78 -29.31
C SER A 460 -18.29 12.83 -27.97
N GLY A 461 -17.81 12.09 -26.98
CA GLY A 461 -18.43 12.14 -25.68
C GLY A 461 -17.83 13.21 -24.80
N GLN A 462 -17.05 14.12 -25.37
CA GLN A 462 -16.44 15.19 -24.60
C GLN A 462 -17.35 16.40 -24.67
N LYS A 463 -17.57 17.02 -23.52
CA LYS A 463 -18.50 18.13 -23.45
C LYS A 463 -18.07 19.05 -22.34
N THR A 464 -17.83 20.32 -22.66
CA THR A 464 -17.29 21.24 -21.68
C THR A 464 -18.33 21.59 -20.64
N LYS A 465 -17.86 22.17 -19.55
CA LYS A 465 -18.73 22.77 -18.57
C LYS A 465 -18.14 24.07 -18.09
N ILE A 466 -17.51 24.81 -19.01
CA ILE A 466 -16.73 26.00 -18.68
C ILE A 466 -17.68 27.02 -18.06
N ILE A 467 -17.73 27.08 -16.73
CA ILE A 467 -18.79 27.75 -16.02
C ILE A 467 -18.19 28.80 -15.11
N SER A 468 -19.08 29.59 -14.50
CA SER A 468 -18.77 30.36 -13.29
C SER A 468 -17.46 31.15 -13.40
N ASN A 469 -17.01 31.41 -14.61
CA ASN A 469 -15.77 32.13 -14.79
C ASN A 469 -16.01 33.60 -14.47
N ARG A 470 -15.08 34.46 -14.88
CA ARG A 470 -15.33 35.90 -14.84
C ARG A 470 -16.50 36.24 -15.77
N GLY A 471 -17.26 37.25 -15.40
CA GLY A 471 -18.43 37.59 -16.17
C GLY A 471 -18.13 37.90 -17.62
N GLU A 472 -18.83 37.24 -18.54
CA GLU A 472 -18.57 37.46 -19.97
C GLU A 472 -18.88 38.89 -20.36
N ASN A 473 -20.04 39.40 -19.93
CA ASN A 473 -20.36 40.80 -20.20
C ASN A 473 -19.36 41.71 -19.51
N SER A 474 -19.03 41.40 -18.26
CA SER A 474 -18.04 42.20 -17.55
C SER A 474 -16.70 42.10 -18.22
N CYS A 475 -16.36 40.92 -18.73
CA CYS A 475 -15.11 40.77 -19.45
C CYS A 475 -15.08 41.66 -20.68
N LYS A 476 -16.13 41.62 -21.49
CA LYS A 476 -16.16 42.42 -22.70
C LYS A 476 -16.14 43.90 -22.34
N ALA A 477 -16.82 44.27 -21.26
CA ALA A 477 -16.82 45.67 -20.83
C ALA A 477 -15.42 46.10 -20.39
N THR A 478 -14.70 45.20 -19.74
CA THR A 478 -13.36 45.55 -19.27
C THR A 478 -12.31 45.46 -20.37
N GLY A 479 -12.66 44.94 -21.55
CA GLY A 479 -11.75 44.87 -22.67
C GLY A 479 -10.76 43.72 -22.65
N GLN A 480 -10.87 42.80 -21.70
CA GLN A 480 -9.98 41.65 -21.68
C GLN A 480 -10.47 40.61 -22.70
N VAL A 481 -10.68 41.05 -23.93
CA VAL A 481 -11.12 40.19 -25.01
C VAL A 481 -9.93 40.02 -25.95
N CYS A 482 -9.99 38.98 -26.78
CA CYS A 482 -8.82 38.51 -27.50
C CYS A 482 -8.31 39.57 -28.47
N HIS A 483 -7.06 39.42 -28.88
CA HIS A 483 -6.55 40.31 -29.90
C HIS A 483 -7.37 40.13 -31.15
N ALA A 484 -7.79 41.24 -31.74
CA ALA A 484 -8.54 41.17 -32.99
C ALA A 484 -7.71 40.58 -34.09
N LEU A 485 -6.40 40.51 -33.90
CA LEU A 485 -5.57 39.71 -34.77
C LEU A 485 -5.66 38.26 -34.35
N CYS A 486 -6.88 37.74 -34.22
CA CYS A 486 -7.08 36.34 -33.88
C CYS A 486 -8.36 35.85 -34.54
N SER A 487 -8.35 34.61 -34.99
CA SER A 487 -9.50 34.08 -35.69
C SER A 487 -10.66 33.89 -34.72
N PRO A 488 -11.88 33.74 -35.24
CA PRO A 488 -13.05 33.69 -34.36
C PRO A 488 -13.08 32.51 -33.40
N GLU A 489 -12.17 31.55 -33.50
CA GLU A 489 -12.28 30.36 -32.68
C GLU A 489 -12.05 30.61 -31.20
N GLY A 490 -11.56 31.78 -30.82
CA GLY A 490 -11.35 32.13 -29.44
C GLY A 490 -9.87 32.27 -29.15
N CYS A 491 -9.55 32.50 -27.87
CA CYS A 491 -8.15 32.65 -27.52
C CYS A 491 -7.95 32.47 -26.02
N TRP A 492 -6.97 31.68 -25.66
CA TRP A 492 -6.76 31.33 -24.28
C TRP A 492 -5.97 32.38 -23.52
N GLY A 493 -5.70 33.53 -24.13
CA GLY A 493 -5.10 34.60 -23.38
C GLY A 493 -4.98 35.89 -24.16
N PRO A 494 -4.83 37.01 -23.45
CA PRO A 494 -4.98 38.28 -24.15
C PRO A 494 -3.90 38.56 -25.16
N GLU A 495 -2.66 38.22 -24.88
CA GLU A 495 -1.59 38.56 -25.81
C GLU A 495 -1.71 37.71 -27.06
N PRO A 496 -1.22 38.22 -28.20
CA PRO A 496 -1.33 37.46 -29.45
C PRO A 496 -0.64 36.12 -29.38
N ARG A 497 0.11 35.83 -28.32
CA ARG A 497 0.62 34.49 -28.16
C ARG A 497 -0.51 33.49 -27.98
N ASP A 498 -1.48 33.85 -27.15
CA ASP A 498 -2.51 32.89 -26.77
C ASP A 498 -3.75 33.11 -27.62
N CYS A 499 -3.77 32.53 -28.82
CA CYS A 499 -4.94 32.63 -29.68
C CYS A 499 -5.00 31.35 -30.48
N VAL A 500 -6.16 30.69 -30.47
CA VAL A 500 -6.22 29.34 -31.02
C VAL A 500 -5.80 29.34 -32.47
N SER A 501 -6.35 30.24 -33.26
CA SER A 501 -5.94 30.44 -34.63
C SER A 501 -6.17 31.90 -34.97
N CYS A 502 -5.54 32.38 -36.01
CA CYS A 502 -5.44 33.82 -36.20
C CYS A 502 -6.36 34.29 -37.31
N ARG A 503 -6.75 35.56 -37.21
CA ARG A 503 -7.46 36.19 -38.30
C ARG A 503 -6.61 36.20 -39.57
N ASN A 504 -5.37 36.64 -39.46
CA ASN A 504 -4.41 36.49 -40.54
C ASN A 504 -3.60 35.23 -40.28
N VAL A 505 -2.47 35.07 -40.96
CA VAL A 505 -1.58 33.94 -40.71
C VAL A 505 -0.75 34.21 -39.45
N SER A 506 0.11 33.27 -39.08
CA SER A 506 0.86 33.34 -37.83
C SER A 506 2.36 33.24 -38.09
N ARG A 507 3.14 34.03 -37.33
CA ARG A 507 4.59 33.88 -37.28
C ARG A 507 4.90 33.14 -35.99
N GLY A 508 4.99 31.82 -36.13
CA GLY A 508 5.29 30.96 -35.00
C GLY A 508 4.29 31.05 -33.87
N ARG A 509 4.79 31.24 -32.64
CA ARG A 509 3.90 31.18 -31.49
C ARG A 509 2.86 32.28 -31.53
N GLU A 510 3.26 33.47 -31.95
CA GLU A 510 2.32 34.58 -32.04
C GLU A 510 1.67 34.58 -33.42
N CYS A 511 0.76 35.51 -33.65
CA CYS A 511 0.04 35.55 -34.91
C CYS A 511 -0.13 37.02 -35.27
N VAL A 512 0.78 37.51 -36.10
CA VAL A 512 0.82 38.93 -36.41
C VAL A 512 -0.24 39.28 -37.43
N ASP A 513 -0.41 40.57 -37.65
CA ASP A 513 -1.33 41.06 -38.67
C ASP A 513 -0.90 40.64 -40.06
N LYS A 514 0.40 40.65 -40.34
CA LYS A 514 0.81 40.37 -41.72
C LYS A 514 2.25 39.89 -41.72
N CYS A 515 2.49 38.91 -42.56
CA CYS A 515 3.85 38.41 -42.73
C CYS A 515 4.70 39.47 -43.40
N ASN A 516 5.99 39.39 -43.17
CA ASN A 516 6.90 40.30 -43.86
C ASN A 516 6.93 39.93 -45.33
N LEU A 517 5.81 40.15 -46.02
CA LEU A 517 5.73 39.81 -47.43
C LEU A 517 6.59 40.72 -48.29
N LEU A 518 6.56 42.02 -48.04
CA LEU A 518 7.49 42.93 -48.69
C LEU A 518 8.30 43.75 -47.70
N GLU A 519 7.64 44.30 -46.69
CA GLU A 519 8.29 45.07 -45.66
C GLU A 519 8.41 44.19 -44.42
N GLY A 520 9.62 44.10 -43.90
CA GLY A 520 9.87 43.35 -42.69
C GLY A 520 11.30 42.86 -42.68
N GLU A 521 11.92 43.00 -41.51
CA GLU A 521 13.30 42.62 -41.31
C GLU A 521 13.41 41.12 -41.45
N PRO A 522 12.57 40.36 -40.75
CA PRO A 522 12.57 38.91 -40.98
C PRO A 522 12.30 38.54 -42.42
N ARG A 523 11.44 39.30 -43.10
CA ARG A 523 11.19 39.12 -44.53
C ARG A 523 10.86 37.65 -44.81
N GLU A 524 9.79 37.18 -44.19
CA GLU A 524 9.48 35.76 -44.19
C GLU A 524 8.66 35.39 -45.41
N PHE A 525 8.12 34.18 -45.41
CA PHE A 525 7.18 33.72 -46.43
C PHE A 525 6.02 33.03 -45.75
N VAL A 526 4.83 33.34 -46.23
CA VAL A 526 3.63 32.72 -45.69
C VAL A 526 3.60 31.29 -46.18
N GLU A 527 3.27 30.36 -45.28
CA GLU A 527 3.12 28.96 -45.65
C GLU A 527 2.01 28.37 -44.81
N ASN A 528 0.97 27.86 -45.46
CA ASN A 528 -0.14 27.20 -44.77
C ASN A 528 -0.60 28.03 -43.58
N SER A 529 -0.86 29.30 -43.84
CA SER A 529 -1.26 30.26 -42.82
C SER A 529 -0.23 30.30 -41.70
N GLU A 530 1.01 30.54 -42.11
CA GLU A 530 2.10 30.67 -41.15
C GLU A 530 3.25 31.43 -41.80
N CYS A 531 3.82 32.36 -41.07
CA CYS A 531 4.98 33.08 -41.55
C CYS A 531 6.21 32.18 -41.43
N ILE A 532 6.93 31.98 -42.52
CA ILE A 532 8.14 31.17 -42.51
C ILE A 532 9.33 32.09 -42.76
N GLN A 533 10.14 32.31 -41.73
CA GLN A 533 11.27 33.19 -41.85
C GLN A 533 12.25 32.65 -42.87
N CYS A 534 12.76 33.53 -43.72
CA CYS A 534 13.51 33.10 -44.89
C CYS A 534 14.85 32.47 -44.49
N HIS A 535 15.49 31.82 -45.47
CA HIS A 535 16.84 31.36 -45.26
C HIS A 535 17.71 32.57 -45.03
N PRO A 536 18.36 32.66 -43.88
CA PRO A 536 19.03 33.92 -43.54
C PRO A 536 20.11 34.29 -44.52
N GLU A 537 20.64 33.34 -45.27
CA GLU A 537 21.66 33.67 -46.25
C GLU A 537 21.07 34.35 -47.47
N CYS A 538 19.79 34.73 -47.41
CA CYS A 538 19.08 35.29 -48.54
C CYS A 538 18.77 36.75 -48.27
N LEU A 539 19.05 37.61 -49.23
CA LEU A 539 18.71 39.01 -49.08
C LEU A 539 17.20 39.20 -49.18
N PRO A 540 16.61 40.01 -48.30
CA PRO A 540 15.22 40.41 -48.54
C PRO A 540 15.15 41.29 -49.77
N GLN A 541 14.02 41.20 -50.47
CA GLN A 541 13.81 41.92 -51.72
C GLN A 541 12.72 42.96 -51.51
N ALA A 542 12.91 44.15 -52.09
CA ALA A 542 12.06 45.30 -51.82
C ALA A 542 11.00 45.56 -52.90
N MET A 543 11.01 44.82 -54.01
CA MET A 543 10.03 45.04 -55.06
C MET A 543 8.90 44.02 -55.03
N ASN A 544 9.23 42.76 -54.78
CA ASN A 544 8.24 41.72 -54.61
C ASN A 544 8.50 40.96 -53.31
N ILE A 545 7.81 39.84 -53.12
CA ILE A 545 8.02 39.03 -51.92
C ILE A 545 9.46 38.55 -51.87
N THR A 546 9.98 38.40 -50.66
CA THR A 546 11.39 38.15 -50.50
C THR A 546 11.76 36.74 -50.92
N CYS A 547 11.12 35.74 -50.36
CA CYS A 547 11.51 34.36 -50.60
C CYS A 547 10.26 33.50 -50.58
N THR A 548 10.12 32.66 -51.61
CA THR A 548 8.86 31.94 -51.78
C THR A 548 8.68 30.88 -50.72
N GLY A 549 9.67 30.01 -50.54
CA GLY A 549 9.51 28.86 -49.71
C GLY A 549 10.76 28.63 -48.90
N ARG A 550 10.71 27.60 -48.06
CA ARG A 550 11.83 27.29 -47.20
C ARG A 550 13.04 26.88 -48.03
N GLY A 551 14.21 27.06 -47.46
CA GLY A 551 15.43 26.61 -48.07
C GLY A 551 16.02 27.64 -48.99
N PRO A 552 17.32 27.86 -48.88
CA PRO A 552 17.96 28.91 -49.69
C PRO A 552 17.87 28.63 -51.17
N ASP A 553 17.59 27.39 -51.55
CA ASP A 553 17.24 27.11 -52.94
C ASP A 553 16.01 27.90 -53.34
N ASN A 554 15.07 28.05 -52.43
CA ASN A 554 13.86 28.80 -52.69
C ASN A 554 14.01 30.30 -52.49
N CYS A 555 15.20 30.77 -52.12
CA CYS A 555 15.42 32.19 -51.86
C CYS A 555 15.50 32.98 -53.16
N ILE A 556 14.74 34.07 -53.24
CA ILE A 556 14.74 34.85 -54.48
C ILE A 556 15.94 35.79 -54.59
N GLN A 557 16.43 36.32 -53.47
CA GLN A 557 17.55 37.24 -53.48
C GLN A 557 18.62 36.72 -52.54
N CYS A 558 19.86 36.65 -53.03
CA CYS A 558 20.98 36.17 -52.24
C CYS A 558 22.17 37.06 -52.57
N ALA A 559 22.35 38.12 -51.77
CA ALA A 559 23.49 38.98 -51.97
C ALA A 559 24.79 38.25 -51.69
N HIS A 560 24.78 37.34 -50.72
CA HIS A 560 25.91 36.45 -50.59
C HIS A 560 26.02 35.58 -51.84
N TYR A 561 27.09 34.81 -51.92
CA TYR A 561 27.30 34.00 -53.11
C TYR A 561 26.17 32.98 -53.23
N ILE A 562 25.90 32.57 -54.47
CA ILE A 562 24.89 31.57 -54.76
C ILE A 562 25.57 30.41 -55.47
N ASP A 563 25.28 29.19 -55.01
CA ASP A 563 26.00 28.00 -55.43
C ASP A 563 25.22 27.33 -56.55
N GLY A 564 25.70 27.50 -57.77
CA GLY A 564 25.00 27.03 -58.93
C GLY A 564 23.62 27.64 -58.96
N PRO A 565 22.60 26.80 -59.05
CA PRO A 565 21.22 27.27 -58.93
C PRO A 565 20.75 27.45 -57.50
N HIS A 566 21.59 27.16 -56.52
CA HIS A 566 21.25 27.40 -55.14
C HIS A 566 22.06 28.58 -54.62
N CYS A 567 21.54 29.21 -53.59
CA CYS A 567 22.33 30.16 -52.82
C CYS A 567 23.02 29.40 -51.70
N VAL A 568 24.15 29.93 -51.24
CA VAL A 568 24.93 29.28 -50.19
C VAL A 568 25.69 30.34 -49.41
N LYS A 569 26.22 29.93 -48.26
CA LYS A 569 27.05 30.84 -47.49
C LYS A 569 28.29 31.22 -48.27
N THR A 570 29.09 30.23 -48.65
CA THR A 570 30.32 30.48 -49.40
C THR A 570 30.60 29.30 -50.32
N CYS A 571 31.41 29.57 -51.34
CA CYS A 571 31.68 28.58 -52.37
C CYS A 571 32.47 27.40 -51.80
N PRO A 572 32.23 26.17 -52.28
CA PRO A 572 33.01 25.02 -51.81
C PRO A 572 34.41 25.03 -52.40
N ALA A 573 35.40 24.99 -51.52
CA ALA A 573 36.79 24.81 -51.93
C ALA A 573 37.42 23.58 -51.31
N GLY A 574 37.48 23.51 -49.99
CA GLY A 574 38.00 22.34 -49.33
C GLY A 574 36.89 21.31 -49.24
N VAL A 575 36.38 20.90 -50.38
CA VAL A 575 35.29 19.92 -50.41
C VAL A 575 35.93 18.57 -50.65
N MET A 576 35.14 17.52 -50.54
CA MET A 576 35.60 16.16 -50.79
C MET A 576 35.03 15.67 -52.11
N GLY A 577 35.87 15.07 -52.93
CA GLY A 577 35.46 14.66 -54.25
C GLY A 577 35.52 13.16 -54.46
N GLU A 578 35.94 12.73 -55.65
CA GLU A 578 36.01 11.30 -55.95
C GLU A 578 37.01 10.62 -55.02
N ASN A 579 38.15 11.25 -54.79
CA ASN A 579 39.13 10.81 -53.81
C ASN A 579 39.36 11.92 -52.81
N ASN A 580 38.26 12.48 -52.30
CA ASN A 580 38.28 13.62 -51.39
C ASN A 580 38.98 14.82 -52.03
N THR A 581 38.69 15.05 -53.30
CA THR A 581 39.28 16.18 -54.02
C THR A 581 38.63 17.49 -53.60
N LEU A 582 39.47 18.49 -53.36
CA LEU A 582 39.01 19.83 -52.99
C LEU A 582 38.41 20.49 -54.22
N VAL A 583 37.09 20.44 -54.32
CA VAL A 583 36.41 20.95 -55.50
C VAL A 583 36.56 22.47 -55.50
N TRP A 584 37.28 23.01 -56.49
CA TRP A 584 37.31 24.45 -56.66
C TRP A 584 35.93 24.99 -57.01
N LYS A 585 35.12 24.19 -57.69
CA LYS A 585 33.79 24.58 -58.16
C LYS A 585 33.98 25.74 -59.12
N TYR A 586 33.44 26.92 -58.84
CA TYR A 586 33.69 28.11 -59.64
C TYR A 586 34.41 29.13 -58.76
N ALA A 587 34.60 30.32 -59.30
CA ALA A 587 35.21 31.40 -58.53
C ALA A 587 34.20 31.99 -57.55
N GLN B 6 -10.38 -40.38 6.00
CA GLN B 6 -10.04 -39.98 7.36
C GLN B 6 -10.32 -38.50 7.55
N VAL B 7 -11.15 -38.20 8.54
CA VAL B 7 -11.47 -36.82 8.84
C VAL B 7 -10.20 -36.07 9.23
N GLN B 8 -10.01 -34.88 8.65
CA GLN B 8 -8.80 -34.10 8.89
C GLN B 8 -9.15 -32.64 9.06
N LEU B 9 -8.58 -32.02 10.08
CA LEU B 9 -8.71 -30.59 10.34
C LEU B 9 -7.31 -30.01 10.26
N VAL B 10 -7.14 -29.01 9.40
CA VAL B 10 -5.81 -28.49 9.08
C VAL B 10 -5.80 -27.02 9.46
N GLN B 11 -4.97 -26.67 10.44
CA GLN B 11 -4.83 -25.30 10.88
C GLN B 11 -3.67 -24.64 10.16
N SER B 12 -3.90 -23.42 9.69
CA SER B 12 -2.89 -22.66 8.97
C SER B 12 -3.03 -21.18 9.26
N GLY B 13 -1.94 -20.46 9.05
CA GLY B 13 -1.88 -19.03 9.23
C GLY B 13 -1.15 -18.54 10.47
N GLY B 14 -0.63 -19.44 11.30
CA GLY B 14 0.05 -19.02 12.51
C GLY B 14 1.38 -18.35 12.22
N GLY B 15 2.01 -17.84 13.26
CA GLY B 15 3.29 -17.18 13.11
C GLY B 15 3.48 -16.14 14.20
N VAL B 16 4.53 -15.35 14.01
CA VAL B 16 4.91 -14.30 14.94
C VAL B 16 4.41 -12.96 14.39
N VAL B 17 3.70 -12.22 15.23
CA VAL B 17 3.24 -10.88 14.89
C VAL B 17 3.47 -9.99 16.09
N GLN B 18 3.67 -8.70 15.82
CA GLN B 18 3.83 -7.76 16.91
C GLN B 18 2.53 -7.63 17.68
N PRO B 19 2.59 -7.35 18.98
CA PRO B 19 1.35 -7.17 19.75
C PRO B 19 0.50 -6.06 19.16
N GLY B 20 -0.81 -6.27 19.19
CA GLY B 20 -1.74 -5.31 18.66
C GLY B 20 -2.08 -5.52 17.20
N ARG B 21 -1.34 -6.37 16.50
CA ARG B 21 -1.61 -6.59 15.09
C ARG B 21 -2.81 -7.53 14.95
N SER B 22 -3.27 -7.69 13.71
CA SER B 22 -4.39 -8.56 13.43
C SER B 22 -3.90 -9.84 12.76
N LEU B 23 -4.58 -10.95 13.06
CA LEU B 23 -4.17 -12.26 12.56
C LEU B 23 -5.41 -13.02 12.10
N ARG B 24 -5.31 -13.63 10.92
CA ARG B 24 -6.39 -14.45 10.35
C ARG B 24 -5.88 -15.87 10.16
N LEU B 25 -6.57 -16.83 10.76
CA LEU B 25 -6.21 -18.25 10.62
C LEU B 25 -7.27 -18.99 9.83
N SER B 26 -6.85 -20.09 9.20
CA SER B 26 -7.74 -20.92 8.41
C SER B 26 -7.67 -22.36 8.91
N CYS B 27 -8.83 -23.01 8.92
CA CYS B 27 -8.93 -24.40 9.34
C CYS B 27 -9.69 -25.13 8.25
N LYS B 28 -8.96 -25.84 7.39
CA LYS B 28 -9.58 -26.57 6.29
C LYS B 28 -10.05 -27.91 6.80
N ALA B 29 -11.32 -28.23 6.53
CA ALA B 29 -11.95 -29.45 7.01
C ALA B 29 -12.06 -30.45 5.87
N SER B 30 -11.67 -31.69 6.14
CA SER B 30 -11.69 -32.75 5.15
C SER B 30 -12.09 -34.06 5.81
N GLY B 31 -12.63 -34.96 5.00
CA GLY B 31 -13.07 -36.25 5.48
C GLY B 31 -14.48 -36.29 6.02
N TYR B 32 -15.20 -35.17 5.99
CA TYR B 32 -16.57 -35.11 6.46
C TYR B 32 -17.27 -33.92 5.82
N THR B 33 -18.60 -33.90 5.94
CA THR B 33 -19.39 -32.78 5.46
C THR B 33 -19.16 -31.62 6.42
N PHE B 34 -18.45 -30.60 5.94
CA PHE B 34 -18.07 -29.50 6.82
C PHE B 34 -19.26 -28.82 7.49
N THR B 35 -20.43 -28.80 6.82
CA THR B 35 -21.58 -28.07 7.34
C THR B 35 -22.36 -28.82 8.41
N ARG B 36 -22.16 -30.13 8.56
CA ARG B 36 -23.02 -30.93 9.44
C ARG B 36 -22.56 -30.96 10.89
N TYR B 37 -21.33 -30.55 11.16
CA TYR B 37 -20.80 -30.52 12.52
C TYR B 37 -20.30 -29.12 12.81
N THR B 38 -20.53 -28.65 14.03
CA THR B 38 -20.06 -27.34 14.43
C THR B 38 -18.55 -27.35 14.56
N MET B 39 -17.94 -26.22 14.22
CA MET B 39 -16.49 -26.05 14.31
C MET B 39 -16.15 -25.18 15.50
N HIS B 40 -15.22 -25.63 16.33
CA HIS B 40 -14.72 -24.86 17.46
C HIS B 40 -13.21 -24.64 17.34
N TRP B 41 -12.73 -23.53 17.87
CA TRP B 41 -11.31 -23.20 17.91
C TRP B 41 -10.86 -23.15 19.35
N VAL B 42 -9.72 -23.77 19.65
CA VAL B 42 -9.18 -23.82 21.00
C VAL B 42 -7.72 -23.40 20.95
N ARG B 43 -7.31 -22.59 21.91
CA ARG B 43 -5.94 -22.10 21.99
C ARG B 43 -5.26 -22.77 23.16
N GLN B 44 -4.02 -23.23 22.95
CA GLN B 44 -3.21 -23.88 23.98
C GLN B 44 -1.97 -23.02 24.17
N ALA B 45 -1.99 -22.20 25.20
CA ALA B 45 -0.83 -21.37 25.54
C ALA B 45 0.27 -22.22 26.18
N PRO B 46 1.52 -21.80 26.05
CA PRO B 46 2.60 -22.52 26.75
C PRO B 46 2.37 -22.52 28.25
N GLY B 47 2.33 -23.72 28.82
CA GLY B 47 2.18 -23.88 30.25
C GLY B 47 0.77 -23.84 30.79
N LYS B 48 -0.22 -23.58 29.96
CA LYS B 48 -1.61 -23.52 30.40
C LYS B 48 -2.39 -24.65 29.75
N GLY B 49 -3.54 -24.94 30.35
CA GLY B 49 -4.42 -25.95 29.84
C GLY B 49 -5.21 -25.47 28.66
N LEU B 50 -6.11 -26.32 28.19
CA LEU B 50 -6.91 -25.99 27.02
C LEU B 50 -7.90 -24.89 27.33
N GLU B 51 -8.00 -23.91 26.44
CA GLU B 51 -8.93 -22.80 26.57
C GLU B 51 -9.89 -22.86 25.39
N TRP B 52 -11.18 -22.97 25.66
CA TRP B 52 -12.16 -22.87 24.59
C TRP B 52 -12.32 -21.42 24.22
N ILE B 53 -12.30 -21.16 22.92
CA ILE B 53 -12.54 -19.85 22.39
C ILE B 53 -14.00 -19.68 22.00
N GLY B 54 -14.56 -20.69 21.33
CA GLY B 54 -15.94 -20.58 20.88
C GLY B 54 -16.25 -21.62 19.82
N TYR B 55 -17.39 -21.43 19.16
CA TYR B 55 -17.79 -22.31 18.07
C TYR B 55 -18.56 -21.49 17.04
N ILE B 56 -18.61 -22.02 15.82
CA ILE B 56 -19.41 -21.45 14.73
C ILE B 56 -20.05 -22.61 13.99
N ASN B 57 -21.35 -22.49 13.70
CA ASN B 57 -22.06 -23.54 12.98
C ASN B 57 -21.91 -23.32 11.48
N PRO B 58 -21.21 -24.18 10.75
CA PRO B 58 -21.04 -23.94 9.30
C PRO B 58 -22.33 -23.96 8.52
N SER B 59 -23.31 -24.76 8.96
CA SER B 59 -24.58 -24.79 8.23
C SER B 59 -25.38 -23.52 8.48
N ARG B 60 -25.29 -22.97 9.68
CA ARG B 60 -26.07 -21.80 10.02
C ARG B 60 -25.28 -20.50 10.01
N GLY B 61 -23.96 -20.56 10.11
CA GLY B 61 -23.19 -19.36 10.33
C GLY B 61 -23.29 -18.83 11.74
N TYR B 62 -24.05 -19.48 12.61
CA TYR B 62 -24.15 -19.04 13.98
C TYR B 62 -22.83 -19.29 14.69
N THR B 63 -22.35 -18.27 15.40
CA THR B 63 -21.08 -18.33 16.11
C THR B 63 -21.28 -17.92 17.56
N ASN B 64 -20.45 -18.51 18.43
CA ASN B 64 -20.37 -18.14 19.83
C ASN B 64 -18.90 -18.01 20.19
N TYR B 65 -18.58 -17.07 21.07
CA TYR B 65 -17.20 -16.75 21.37
C TYR B 65 -17.01 -16.71 22.88
N ASN B 66 -15.78 -16.98 23.31
CA ASN B 66 -15.40 -16.71 24.69
C ASN B 66 -15.40 -15.22 24.91
N GLN B 67 -15.91 -14.80 26.06
CA GLN B 67 -16.00 -13.36 26.32
C GLN B 67 -14.63 -12.70 26.30
N LYS B 68 -13.59 -13.42 26.74
CA LYS B 68 -12.26 -12.83 26.84
C LYS B 68 -11.73 -12.38 25.50
N VAL B 69 -12.20 -12.99 24.42
CA VAL B 69 -11.87 -12.56 23.07
C VAL B 69 -13.09 -12.21 22.24
N LYS B 70 -14.28 -12.08 22.85
CA LYS B 70 -15.50 -11.86 22.09
C LYS B 70 -15.47 -10.59 21.23
N ASP B 71 -14.62 -9.62 21.58
CA ASP B 71 -14.62 -8.31 20.95
C ASP B 71 -13.46 -8.08 19.99
N ARG B 72 -12.51 -8.99 19.91
CA ARG B 72 -11.34 -8.80 19.05
C ARG B 72 -11.20 -9.88 17.99
N PHE B 73 -11.87 -11.00 18.14
CA PHE B 73 -11.81 -12.08 17.17
C PHE B 73 -13.14 -12.22 16.44
N THR B 74 -13.08 -12.56 15.16
CA THR B 74 -14.25 -12.83 14.34
C THR B 74 -14.08 -14.18 13.69
N ILE B 75 -15.04 -15.08 13.92
CA ILE B 75 -14.97 -16.46 13.46
C ILE B 75 -15.69 -16.54 12.12
N SER B 76 -14.97 -16.97 11.08
CA SER B 76 -15.50 -17.01 9.73
C SER B 76 -15.30 -18.41 9.19
N ARG B 77 -15.99 -18.70 8.11
CA ARG B 77 -15.87 -20.00 7.46
C ARG B 77 -16.31 -19.85 6.02
N ASP B 78 -15.85 -20.77 5.18
CA ASP B 78 -16.19 -20.81 3.77
C ASP B 78 -16.71 -22.21 3.49
N ASN B 79 -18.02 -22.35 3.29
CA ASN B 79 -18.57 -23.65 2.92
C ASN B 79 -18.04 -24.13 1.57
N SER B 80 -17.77 -23.22 0.65
CA SER B 80 -17.22 -23.60 -0.65
C SER B 80 -15.81 -24.17 -0.55
N LYS B 81 -15.05 -23.83 0.50
CA LYS B 81 -13.68 -24.30 0.64
C LYS B 81 -13.49 -25.26 1.80
N ASN B 82 -14.55 -25.61 2.54
CA ASN B 82 -14.44 -26.46 3.73
C ASN B 82 -13.34 -25.94 4.67
N THR B 83 -13.31 -24.63 4.83
CA THR B 83 -12.33 -23.97 5.69
C THR B 83 -13.03 -22.97 6.59
N ALA B 84 -12.63 -22.95 7.85
CA ALA B 84 -13.13 -21.96 8.80
C ALA B 84 -12.06 -20.92 9.02
N PHE B 85 -12.49 -19.66 9.11
CA PHE B 85 -11.56 -18.56 9.21
C PHE B 85 -11.68 -17.93 10.59
N LEU B 86 -10.53 -17.63 11.19
CA LEU B 86 -10.46 -17.03 12.50
C LEU B 86 -9.71 -15.72 12.37
N GLN B 87 -10.43 -14.61 12.36
CA GLN B 87 -9.82 -13.30 12.27
C GLN B 87 -9.56 -12.78 13.67
N MET B 88 -8.30 -12.66 14.04
CA MET B 88 -7.89 -12.18 15.35
C MET B 88 -7.25 -10.81 15.16
N ASP B 89 -7.71 -9.82 15.91
CA ASP B 89 -7.25 -8.45 15.78
C ASP B 89 -6.77 -7.91 17.13
N SER B 90 -5.93 -6.88 17.08
CA SER B 90 -5.36 -6.23 18.26
C SER B 90 -4.70 -7.27 19.18
N LEU B 91 -3.87 -8.11 18.59
CA LEU B 91 -3.31 -9.23 19.31
C LEU B 91 -2.45 -8.76 20.47
N ARG B 92 -2.61 -9.41 21.60
CA ARG B 92 -1.75 -9.09 22.72
C ARG B 92 -0.82 -10.26 23.00
N PRO B 93 0.28 -10.03 23.72
CA PRO B 93 1.22 -11.13 24.00
C PRO B 93 0.54 -12.33 24.64
N GLU B 94 -0.57 -12.05 25.33
CA GLU B 94 -1.39 -13.09 25.95
C GLU B 94 -2.03 -14.01 24.92
N ASP B 95 -2.09 -13.61 23.65
CA ASP B 95 -2.66 -14.48 22.64
C ASP B 95 -1.64 -15.46 22.08
N THR B 96 -0.40 -15.40 22.53
CA THR B 96 0.64 -16.30 22.02
C THR B 96 0.35 -17.74 22.41
N GLY B 97 0.38 -18.65 21.44
CA GLY B 97 0.21 -20.05 21.73
C GLY B 97 -0.18 -20.84 20.50
N VAL B 98 -0.43 -22.12 20.72
CA VAL B 98 -0.88 -23.01 19.67
C VAL B 98 -2.40 -22.96 19.61
N TYR B 99 -2.94 -22.61 18.44
CA TYR B 99 -4.37 -22.53 18.26
C TYR B 99 -4.85 -23.77 17.52
N PHE B 100 -5.88 -24.42 18.07
CA PHE B 100 -6.37 -25.69 17.53
C PHE B 100 -7.82 -25.55 17.07
N CYS B 101 -8.15 -26.23 15.98
CA CYS B 101 -9.51 -26.33 15.46
C CYS B 101 -10.00 -27.76 15.63
N ALA B 102 -11.27 -27.91 16.04
CA ALA B 102 -11.81 -29.23 16.38
C ALA B 102 -13.24 -29.36 15.87
N ARG B 103 -13.62 -30.59 15.49
CA ARG B 103 -14.95 -30.91 15.00
C ARG B 103 -15.81 -31.40 16.15
N TYR B 104 -17.02 -30.86 16.24
CA TYR B 104 -17.97 -31.23 17.28
C TYR B 104 -18.95 -32.23 16.70
N TYR B 105 -18.95 -33.43 17.24
CA TYR B 105 -19.97 -34.41 16.96
C TYR B 105 -21.04 -34.18 18.01
N ASP B 106 -22.16 -33.59 17.57
CA ASP B 106 -23.22 -33.31 18.53
C ASP B 106 -23.74 -34.59 19.15
N ASP B 107 -23.65 -35.70 18.42
CA ASP B 107 -24.16 -36.98 18.90
C ASP B 107 -23.46 -37.44 20.17
N HIS B 108 -22.17 -37.16 20.29
CA HIS B 108 -21.46 -37.47 21.53
C HIS B 108 -21.24 -36.23 22.37
N TYR B 109 -21.71 -35.06 21.92
CA TYR B 109 -21.50 -33.81 22.63
C TYR B 109 -20.00 -33.60 22.91
N SER B 110 -19.17 -33.94 21.92
CA SER B 110 -17.74 -33.93 22.12
C SER B 110 -17.04 -33.47 20.85
N LEU B 111 -15.83 -32.93 21.03
CA LEU B 111 -14.91 -32.65 19.93
C LEU B 111 -14.07 -33.91 19.70
N ASP B 112 -14.47 -34.71 18.72
CA ASP B 112 -13.82 -35.97 18.44
C ASP B 112 -12.63 -35.84 17.52
N TYR B 113 -12.65 -34.85 16.63
CA TYR B 113 -11.56 -34.61 15.70
C TYR B 113 -10.90 -33.28 16.03
N TRP B 114 -9.60 -33.29 16.26
CA TRP B 114 -8.86 -32.09 16.58
C TRP B 114 -7.74 -31.90 15.57
N GLY B 115 -7.56 -30.66 15.12
CA GLY B 115 -6.47 -30.36 14.24
C GLY B 115 -5.16 -30.27 15.01
N GLN B 116 -4.08 -30.42 14.27
CA GLN B 116 -2.76 -30.43 14.90
C GLN B 116 -2.40 -29.08 15.52
N GLY B 117 -3.11 -28.01 15.17
CA GLY B 117 -2.85 -26.72 15.76
C GLY B 117 -1.79 -25.92 15.03
N THR B 118 -1.81 -24.61 15.25
CA THR B 118 -0.83 -23.71 14.67
C THR B 118 -0.30 -22.82 15.78
N PRO B 119 1.03 -22.69 15.90
CA PRO B 119 1.58 -21.85 16.96
C PRO B 119 1.46 -20.37 16.63
N VAL B 120 1.02 -19.60 17.62
CA VAL B 120 0.92 -18.16 17.51
C VAL B 120 1.77 -17.58 18.63
N THR B 121 2.64 -16.64 18.29
CA THR B 121 3.49 -15.95 19.25
C THR B 121 3.28 -14.45 19.06
N VAL B 122 2.90 -13.75 20.13
CA VAL B 122 2.58 -12.34 20.07
C VAL B 122 3.68 -11.59 20.80
N SER B 123 4.66 -11.09 20.05
CA SER B 123 5.76 -10.30 20.59
C SER B 123 6.16 -9.28 19.55
N SER B 124 6.67 -8.14 20.02
CA SER B 124 7.03 -7.03 19.09
C SER B 124 8.44 -7.27 18.53
N ALA B 125 8.55 -7.36 17.20
CA ALA B 125 9.89 -7.54 16.56
C ALA B 125 10.76 -6.33 16.88
N GLY B 126 10.20 -5.12 16.78
CA GLY B 126 10.97 -3.90 17.09
C GLY B 126 10.06 -2.83 17.66
N GLY B 127 9.96 -2.73 18.99
CA GLY B 127 9.09 -1.73 19.63
C GLY B 127 9.47 -0.32 19.23
N GLY B 128 10.78 -0.02 19.22
CA GLY B 128 11.25 1.31 18.80
C GLY B 128 10.85 1.60 17.37
N GLY B 129 11.04 0.63 16.47
CA GLY B 129 10.62 0.79 15.07
C GLY B 129 9.11 0.93 14.98
N SER B 130 8.38 0.13 15.77
CA SER B 130 6.89 0.20 15.76
C SER B 130 6.43 1.57 16.24
N ASP B 131 7.08 2.12 17.28
CA ASP B 131 6.66 3.43 17.83
C ASP B 131 7.89 4.17 18.39
N ILE B 132 8.30 5.26 17.74
CA ILE B 132 9.42 6.03 18.22
C ILE B 132 9.05 6.55 19.60
N VAL B 133 9.52 5.87 20.64
CA VAL B 133 9.05 6.13 21.99
C VAL B 133 9.32 7.59 22.32
N MET B 134 8.25 8.35 22.50
CA MET B 134 8.35 9.75 22.85
C MET B 134 8.17 9.93 24.35
N THR B 135 9.18 9.49 25.10
CA THR B 135 9.20 9.76 26.51
C THR B 135 9.43 11.24 26.77
N GLN B 136 8.68 11.80 27.69
CA GLN B 136 8.83 13.20 28.08
C GLN B 136 9.34 13.26 29.52
N SER B 137 10.39 14.07 29.73
CA SER B 137 11.13 14.02 30.98
C SER B 137 10.26 14.30 32.18
N PRO B 138 9.67 15.47 32.34
CA PRO B 138 8.72 15.66 33.43
C PRO B 138 7.43 14.91 33.12
N LEU B 139 6.70 14.62 34.18
CA LEU B 139 5.38 14.04 34.04
C LEU B 139 4.48 14.68 35.06
N SER B 140 3.41 15.29 34.58
CA SER B 140 2.47 15.99 35.44
C SER B 140 3.23 16.96 36.34
N LEU B 141 4.18 17.67 35.75
CA LEU B 141 4.89 18.66 36.56
C LEU B 141 3.94 19.80 36.87
N PRO B 142 3.65 20.06 38.14
CA PRO B 142 2.84 21.26 38.46
C PRO B 142 3.71 22.49 38.61
N VAL B 143 3.27 23.62 38.08
CA VAL B 143 4.12 24.81 38.02
C VAL B 143 3.34 26.00 38.57
N THR B 144 3.99 26.77 39.44
CA THR B 144 3.40 28.03 39.90
C THR B 144 3.41 29.05 38.76
N PRO B 145 2.46 29.98 38.77
CA PRO B 145 2.37 30.94 37.66
C PRO B 145 3.60 31.82 37.57
N GLY B 146 3.88 32.27 36.35
CA GLY B 146 5.02 33.14 36.12
C GLY B 146 6.36 32.49 36.40
N GLU B 147 6.57 31.28 35.89
CA GLU B 147 7.80 30.56 36.15
C GLU B 147 8.37 30.06 34.83
N PRO B 148 9.69 29.95 34.73
CA PRO B 148 10.30 29.47 33.48
C PRO B 148 10.22 27.95 33.35
N ALA B 149 9.04 27.48 32.93
CA ALA B 149 8.84 26.05 32.77
C ALA B 149 9.66 25.51 31.61
N SER B 150 10.14 24.27 31.76
CA SER B 150 10.89 23.60 30.72
C SER B 150 10.54 22.12 30.74
N ILE B 151 9.96 21.64 29.65
CA ILE B 151 9.51 20.26 29.54
C ILE B 151 10.30 19.59 28.44
N SER B 152 11.00 18.52 28.77
CA SER B 152 11.90 17.82 27.86
C SER B 152 11.29 16.49 27.48
N CYS B 153 11.39 16.12 26.22
CA CYS B 153 11.02 14.79 25.77
C CYS B 153 12.12 14.25 24.88
N ARG B 154 12.39 12.95 25.01
CA ARG B 154 13.43 12.32 24.22
C ARG B 154 12.82 11.24 23.34
N SER B 155 13.21 11.23 22.08
CA SER B 155 12.64 10.31 21.11
C SER B 155 13.52 9.07 21.03
N SER B 156 12.86 7.90 21.03
CA SER B 156 13.60 6.64 21.13
C SER B 156 14.61 6.50 20.00
N GLN B 157 14.34 7.12 18.87
CA GLN B 157 15.33 7.25 17.82
C GLN B 157 15.53 8.73 17.53
N ASN B 158 16.41 8.99 16.57
CA ASN B 158 16.54 10.34 16.05
C ASN B 158 15.29 10.74 15.27
N ILE B 159 14.63 11.80 15.73
CA ILE B 159 13.57 12.40 14.93
C ILE B 159 14.23 13.38 13.98
N VAL B 160 14.73 12.88 12.86
CA VAL B 160 15.37 13.71 11.85
C VAL B 160 15.01 13.10 10.50
N HIS B 161 14.06 13.73 9.81
CA HIS B 161 13.47 13.14 8.63
C HIS B 161 14.37 13.36 7.44
N ASN B 162 14.12 12.59 6.40
CA ASN B 162 14.93 12.70 5.18
C ASN B 162 14.87 14.11 4.63
N ASN B 163 13.72 14.78 4.77
CA ASN B 163 13.66 16.18 4.39
C ASN B 163 14.54 17.04 5.27
N GLY B 164 14.91 16.54 6.45
CA GLY B 164 15.74 17.30 7.34
C GLY B 164 14.98 18.20 8.28
N ILE B 165 13.69 18.38 8.08
CA ILE B 165 12.87 19.15 9.01
C ILE B 165 12.58 18.21 10.16
N THR B 166 12.85 18.65 11.37
CA THR B 166 12.51 17.85 12.53
C THR B 166 11.05 18.07 12.87
N TYR B 167 10.18 17.26 12.27
CA TYR B 167 8.76 17.55 12.28
C TYR B 167 8.26 17.19 13.66
N LEU B 168 8.46 18.11 14.58
CA LEU B 168 8.05 17.95 15.96
C LEU B 168 7.08 19.04 16.32
N GLU B 169 6.31 18.81 17.37
CA GLU B 169 5.40 19.80 17.87
C GLU B 169 5.27 19.56 19.34
N TRP B 170 4.39 20.30 19.96
CA TRP B 170 3.89 19.97 21.27
C TRP B 170 2.48 20.52 21.36
N TYR B 171 1.50 19.71 21.04
CA TYR B 171 0.13 20.19 20.90
C TYR B 171 -0.47 20.18 22.30
N LEU B 172 -1.25 21.21 22.62
CA LEU B 172 -1.87 21.30 23.94
C LEU B 172 -3.35 21.02 23.84
N GLN B 173 -3.89 20.31 24.81
CA GLN B 173 -5.33 20.15 24.99
C GLN B 173 -5.68 20.73 26.36
N LYS B 174 -6.40 21.85 26.36
CA LYS B 174 -6.90 22.41 27.60
C LYS B 174 -7.88 21.43 28.23
N PRO B 175 -8.05 21.50 29.55
CA PRO B 175 -8.98 20.58 30.20
C PRO B 175 -10.34 20.65 29.54
N GLY B 176 -10.84 19.48 29.10
CA GLY B 176 -12.11 19.44 28.42
C GLY B 176 -12.13 20.23 27.13
N GLN B 177 -11.08 20.11 26.31
CA GLN B 177 -11.02 20.85 25.07
C GLN B 177 -10.18 20.09 24.05
N SER B 178 -10.39 20.44 22.78
CA SER B 178 -9.70 19.75 21.72
C SER B 178 -8.20 20.06 21.73
N PRO B 179 -7.36 19.12 21.31
CA PRO B 179 -5.95 19.45 21.14
C PRO B 179 -5.80 20.59 20.17
N GLN B 180 -4.91 21.53 20.50
CA GLN B 180 -4.49 22.60 19.60
C GLN B 180 -2.97 22.67 19.57
N LEU B 181 -2.40 22.97 18.41
CA LEU B 181 -0.96 22.97 18.27
C LEU B 181 -0.36 24.21 18.90
N LEU B 182 0.87 24.08 19.42
CA LEU B 182 1.51 25.16 20.17
C LEU B 182 2.79 25.66 19.51
N ILE B 183 3.74 24.79 19.20
CA ILE B 183 4.99 25.20 18.56
C ILE B 183 5.04 24.57 17.18
N TYR B 184 4.98 25.39 16.13
CA TYR B 184 4.77 24.90 14.78
C TYR B 184 5.76 23.85 14.35
N LYS B 185 7.04 24.04 14.63
CA LYS B 185 8.06 23.02 14.48
C LYS B 185 8.89 23.15 15.76
N VAL B 186 10.12 22.65 15.74
CA VAL B 186 10.81 22.47 17.00
C VAL B 186 10.87 23.75 17.84
N SER B 187 10.96 24.92 17.22
CA SER B 187 11.01 26.14 18.00
C SER B 187 10.27 27.32 17.38
N ASP B 188 9.56 27.14 16.27
CA ASP B 188 8.77 28.23 15.73
C ASP B 188 7.52 28.39 16.58
N ARG B 189 6.57 29.21 16.16
CA ARG B 189 5.39 29.36 16.99
C ARG B 189 4.16 29.33 16.10
N PHE B 190 3.08 28.76 16.61
CA PHE B 190 1.84 28.75 15.85
C PHE B 190 1.25 30.13 15.87
N SER B 191 0.71 30.53 14.74
CA SER B 191 0.02 31.81 14.68
C SER B 191 -1.06 31.78 15.75
N GLY B 192 -1.10 32.81 16.54
CA GLY B 192 -1.98 32.86 17.68
C GLY B 192 -1.41 32.24 18.93
N VAL B 193 -0.33 31.47 18.82
CA VAL B 193 0.32 30.96 20.02
C VAL B 193 1.19 32.07 20.57
N PRO B 194 0.94 32.54 21.78
CA PRO B 194 1.76 33.63 22.31
C PRO B 194 3.21 33.18 22.42
N ASP B 195 4.12 34.14 22.24
CA ASP B 195 5.53 33.84 22.30
C ASP B 195 5.95 33.38 23.68
N ARG B 196 5.07 33.51 24.67
CA ARG B 196 5.37 33.03 26.00
C ARG B 196 5.80 31.58 25.97
N PHE B 197 5.31 30.82 25.02
CA PHE B 197 5.83 29.48 24.77
C PHE B 197 7.03 29.51 23.83
N SER B 198 8.02 28.71 24.17
CA SER B 198 9.20 28.48 23.34
C SER B 198 9.68 27.07 23.61
N GLY B 199 10.67 26.64 22.84
CA GLY B 199 11.12 25.26 22.94
C GLY B 199 12.38 25.05 22.14
N SER B 200 13.09 23.97 22.46
CA SER B 200 14.35 23.70 21.77
C SER B 200 14.68 22.23 21.85
N GLY B 201 15.49 21.79 20.91
CA GLY B 201 15.84 20.39 20.88
C GLY B 201 16.64 20.06 19.65
N SER B 202 17.24 18.88 19.69
CA SER B 202 18.02 18.37 18.58
C SER B 202 18.13 16.86 18.68
N GLY B 203 18.38 16.23 17.55
CA GLY B 203 18.57 14.79 17.54
C GLY B 203 17.38 14.06 18.10
N THR B 204 17.53 13.46 19.28
CA THR B 204 16.43 12.80 19.93
C THR B 204 15.92 13.51 21.17
N ASP B 205 16.68 14.45 21.72
CA ASP B 205 16.28 15.17 22.91
C ASP B 205 15.71 16.51 22.50
N PHE B 206 14.51 16.82 22.97
CA PHE B 206 13.91 18.12 22.71
C PHE B 206 13.22 18.59 23.97
N THR B 207 13.05 19.90 24.06
CA THR B 207 12.44 20.46 25.25
C THR B 207 11.79 21.80 24.92
N LEU B 208 10.76 22.14 25.68
CA LEU B 208 9.96 23.31 25.42
C LEU B 208 10.05 24.24 26.62
N LYS B 209 10.16 25.54 26.36
CA LYS B 209 10.32 26.50 27.44
C LYS B 209 9.09 27.40 27.52
N ILE B 210 8.52 27.52 28.71
CA ILE B 210 7.40 28.42 28.97
C ILE B 210 7.93 29.43 29.98
N SER B 211 8.47 30.53 29.48
CA SER B 211 9.10 31.51 30.36
C SER B 211 8.08 32.10 31.33
N ARG B 212 6.93 32.51 30.82
CA ARG B 212 5.87 33.05 31.64
C ARG B 212 4.69 32.09 31.57
N VAL B 213 4.17 31.73 32.73
CA VAL B 213 3.06 30.79 32.85
C VAL B 213 1.89 31.50 33.49
N GLU B 214 0.72 31.37 32.86
CA GLU B 214 -0.52 31.91 33.39
C GLU B 214 -1.53 30.77 33.52
N ALA B 215 -2.77 31.14 33.82
CA ALA B 215 -3.82 30.15 33.84
C ALA B 215 -4.01 29.51 32.47
N GLU B 216 -3.69 30.26 31.41
CA GLU B 216 -3.90 29.75 30.07
C GLU B 216 -3.01 28.53 29.79
N ASP B 217 -1.77 28.56 30.24
CA ASP B 217 -0.88 27.46 29.93
C ASP B 217 -1.28 26.15 30.60
N VAL B 218 -2.18 26.19 31.57
CA VAL B 218 -2.50 24.98 32.33
C VAL B 218 -3.12 23.95 31.41
N GLY B 219 -2.73 22.70 31.61
CA GLY B 219 -3.17 21.63 30.75
C GLY B 219 -2.05 20.65 30.53
N VAL B 220 -2.24 19.76 29.58
CA VAL B 220 -1.27 18.73 29.27
C VAL B 220 -0.65 19.08 27.94
N TYR B 221 0.68 19.03 27.88
CA TYR B 221 1.42 19.26 26.64
C TYR B 221 1.93 17.93 26.13
N TYR B 222 1.55 17.57 24.92
CA TYR B 222 1.84 16.24 24.41
C TYR B 222 2.72 16.41 23.19
N CYS B 223 3.85 15.72 23.18
CA CYS B 223 4.86 15.82 22.15
C CYS B 223 4.63 14.80 21.04
N PHE B 224 4.20 15.23 19.88
CA PHE B 224 4.04 14.29 18.78
C PHE B 224 5.31 14.25 17.95
N GLN B 225 5.56 13.10 17.36
CA GLN B 225 6.74 12.77 16.60
C GLN B 225 6.35 12.97 15.15
N GLY B 226 7.31 13.09 14.27
CA GLY B 226 6.87 13.34 12.92
C GLY B 226 7.60 12.62 11.81
N SER B 227 8.91 12.42 11.97
CA SER B 227 9.66 11.79 10.89
C SER B 227 9.24 10.34 10.71
N HIS B 228 8.97 9.63 11.80
CA HIS B 228 8.54 8.26 11.70
C HIS B 228 7.18 8.18 11.04
N ILE B 229 6.98 7.14 10.25
CA ILE B 229 5.75 7.04 9.48
C ILE B 229 4.52 7.10 10.37
N PRO B 230 4.42 6.31 11.42
CA PRO B 230 3.28 6.43 12.28
C PRO B 230 3.46 7.58 13.23
N PRO B 231 2.62 8.58 13.20
CA PRO B 231 2.69 9.58 14.25
C PRO B 231 2.51 8.87 15.56
N THR B 232 3.23 9.30 16.57
CA THR B 232 3.10 8.57 17.82
C THR B 232 3.25 9.51 18.98
N PHE B 233 2.15 9.73 19.67
CA PHE B 233 2.14 10.71 20.74
C PHE B 233 2.72 10.13 22.00
N GLY B 234 3.44 10.98 22.72
CA GLY B 234 4.18 10.55 23.89
C GLY B 234 3.33 10.49 25.12
N GLN B 235 4.00 10.28 26.25
CA GLN B 235 3.30 10.10 27.51
C GLN B 235 2.44 11.29 27.85
N GLY B 236 3.01 12.48 27.83
CA GLY B 236 2.17 13.59 28.20
C GLY B 236 2.55 14.19 29.54
N THR B 237 2.99 15.42 29.53
CA THR B 237 3.24 16.18 30.76
C THR B 237 2.06 17.11 30.97
N LYS B 238 1.22 16.77 31.95
CA LYS B 238 0.10 17.61 32.34
C LYS B 238 0.61 18.76 33.21
N VAL B 239 0.72 19.95 32.63
CA VAL B 239 1.17 21.08 33.40
C VAL B 239 0.08 21.49 34.38
N GLU B 240 0.44 21.52 35.67
CA GLU B 240 -0.51 21.89 36.70
C GLU B 240 0.02 23.06 37.50
N ILE B 241 -0.67 23.44 38.56
CA ILE B 241 -0.26 24.55 39.41
C ILE B 241 0.17 23.97 40.76
N LYS B 242 1.40 24.26 41.14
CA LYS B 242 1.95 23.74 42.38
C LYS B 242 1.82 24.75 43.51
N GLN B 268 -13.20 31.48 9.39
CA GLN B 268 -12.68 30.37 10.16
C GLN B 268 -13.20 29.06 9.59
N VAL B 269 -12.49 27.98 9.89
CA VAL B 269 -12.91 26.64 9.54
C VAL B 269 -13.08 25.89 10.84
N GLN B 270 -14.24 25.27 11.02
CA GLN B 270 -14.48 24.49 12.21
C GLN B 270 -15.02 23.16 11.77
N LEU B 271 -14.45 22.10 12.32
CA LEU B 271 -14.85 20.75 11.96
C LEU B 271 -15.58 20.20 13.18
N VAL B 272 -16.85 19.88 13.00
CA VAL B 272 -17.68 19.44 14.10
C VAL B 272 -17.64 17.92 14.17
N GLN B 273 -17.33 17.40 15.34
CA GLN B 273 -17.38 15.97 15.54
C GLN B 273 -18.84 15.60 15.86
N SER B 274 -19.10 14.32 16.03
CA SER B 274 -20.44 13.87 16.36
C SER B 274 -20.58 13.74 17.87
N GLY B 275 -21.69 13.23 18.32
CA GLY B 275 -22.03 13.26 19.72
C GLY B 275 -21.67 11.98 20.43
N ALA B 276 -21.58 12.07 21.75
CA ALA B 276 -21.15 10.96 22.56
C ALA B 276 -22.05 9.75 22.36
N GLU B 277 -21.44 8.59 22.24
CA GLU B 277 -22.17 7.36 22.01
C GLU B 277 -21.59 6.28 22.90
N VAL B 278 -22.44 5.34 23.30
CA VAL B 278 -22.02 4.16 24.04
C VAL B 278 -22.49 2.96 23.26
N LYS B 279 -21.57 2.09 22.88
CA LYS B 279 -21.93 0.86 22.20
C LYS B 279 -21.47 -0.32 23.05
N LYS B 280 -21.75 -1.53 22.56
CA LYS B 280 -21.47 -2.72 23.33
C LYS B 280 -20.32 -3.50 22.71
N PRO B 281 -19.67 -4.37 23.47
CA PRO B 281 -18.45 -5.01 22.97
C PRO B 281 -18.69 -5.69 21.65
N GLY B 282 -17.73 -5.56 20.75
CA GLY B 282 -17.84 -6.13 19.43
C GLY B 282 -18.65 -5.32 18.47
N ALA B 283 -19.29 -4.26 18.93
CA ALA B 283 -20.13 -3.47 18.04
C ALA B 283 -19.25 -2.50 17.27
N SER B 284 -19.88 -1.58 16.56
CA SER B 284 -19.16 -0.60 15.78
C SER B 284 -19.76 0.76 16.05
N VAL B 285 -18.90 1.76 16.07
CA VAL B 285 -19.34 3.15 16.18
C VAL B 285 -18.83 3.87 14.95
N LYS B 286 -19.68 4.65 14.34
CA LYS B 286 -19.26 5.56 13.29
C LYS B 286 -19.39 6.96 13.85
N VAL B 287 -18.27 7.52 14.33
CA VAL B 287 -18.23 8.88 14.85
C VAL B 287 -17.98 9.79 13.69
N SER B 288 -18.88 10.73 13.48
CA SER B 288 -18.84 11.54 12.28
C SER B 288 -17.93 12.71 12.51
N CYS B 289 -17.58 13.39 11.42
CA CYS B 289 -16.79 14.61 11.53
C CYS B 289 -17.25 15.53 10.42
N LYS B 290 -18.11 16.48 10.77
CA LYS B 290 -18.55 17.48 9.82
C LYS B 290 -17.50 18.55 9.69
N ALA B 291 -17.34 19.08 8.49
CA ALA B 291 -16.27 19.98 8.16
C ALA B 291 -16.80 21.22 7.46
N SER B 292 -16.37 22.39 7.93
CA SER B 292 -16.71 23.61 7.21
C SER B 292 -15.61 24.63 7.44
N GLY B 293 -15.49 25.55 6.48
CA GLY B 293 -14.50 26.60 6.48
C GLY B 293 -13.30 26.34 5.60
N TYR B 294 -13.09 25.09 5.19
CA TYR B 294 -12.00 24.76 4.31
C TYR B 294 -12.55 23.83 3.26
N THR B 295 -11.88 23.78 2.13
CA THR B 295 -12.30 22.79 1.16
C THR B 295 -12.07 21.42 1.82
N PHE B 296 -13.14 20.68 2.10
CA PHE B 296 -12.98 19.41 2.80
C PHE B 296 -12.07 18.47 2.02
N THR B 297 -12.16 18.46 0.70
CA THR B 297 -11.22 17.65 -0.06
C THR B 297 -9.96 18.41 -0.42
N SER B 298 -9.38 19.10 0.54
CA SER B 298 -8.09 19.74 0.34
C SER B 298 -7.24 19.77 1.59
N TYR B 299 -7.60 19.06 2.64
CA TYR B 299 -6.73 18.95 3.78
C TYR B 299 -7.03 17.62 4.42
N TRP B 300 -6.03 16.75 4.48
CA TRP B 300 -6.25 15.36 4.87
C TRP B 300 -6.76 15.31 6.30
N MET B 301 -7.84 14.59 6.52
CA MET B 301 -8.54 14.70 7.80
C MET B 301 -8.12 13.58 8.74
N HIS B 302 -6.84 13.57 9.12
CA HIS B 302 -6.33 12.50 9.96
C HIS B 302 -7.05 12.53 11.30
N TRP B 303 -7.25 11.36 11.86
CA TRP B 303 -8.19 11.19 12.96
C TRP B 303 -7.53 10.55 14.17
N VAL B 304 -7.05 11.32 15.03
CA VAL B 304 -6.31 10.81 16.17
C VAL B 304 -7.29 10.23 17.16
N ARG B 305 -6.77 9.43 18.07
CA ARG B 305 -7.55 8.82 19.11
C ARG B 305 -6.82 9.00 20.42
N GLN B 306 -7.57 9.22 21.48
CA GLN B 306 -6.99 9.54 22.79
C GLN B 306 -7.63 8.62 23.82
N ALA B 307 -6.94 7.54 24.10
CA ALA B 307 -7.42 6.60 25.09
C ALA B 307 -7.49 7.28 26.45
N PRO B 308 -8.53 7.02 27.23
CA PRO B 308 -8.49 7.43 28.63
C PRO B 308 -7.30 6.77 29.32
N GLY B 309 -6.61 7.54 30.15
CA GLY B 309 -5.45 7.01 30.85
C GLY B 309 -4.28 6.66 29.96
N GLN B 310 -4.28 7.16 28.73
CA GLN B 310 -3.20 6.88 27.80
C GLN B 310 -3.13 8.02 26.81
N GLY B 311 -2.01 8.14 26.15
CA GLY B 311 -1.82 9.22 25.24
C GLY B 311 -2.49 9.00 23.89
N LEU B 312 -2.46 10.06 23.09
CA LEU B 312 -2.95 10.03 21.72
C LEU B 312 -2.20 9.00 20.90
N GLU B 313 -2.83 8.47 19.85
CA GLU B 313 -2.20 7.59 18.89
C GLU B 313 -2.83 7.77 17.53
N TRP B 314 -2.08 8.19 16.51
CA TRP B 314 -2.67 8.41 15.20
C TRP B 314 -3.31 7.13 14.77
N MET B 315 -4.46 7.23 14.12
CA MET B 315 -5.29 6.07 13.80
C MET B 315 -5.46 5.88 12.31
N GLY B 316 -5.61 6.96 11.58
CA GLY B 316 -5.62 6.87 10.14
C GLY B 316 -6.00 8.20 9.51
N ASN B 317 -5.85 8.25 8.21
CA ASN B 317 -6.04 9.48 7.52
C ASN B 317 -6.96 9.19 6.36
N ILE B 318 -7.45 10.25 5.72
CA ILE B 318 -8.25 10.07 4.53
C ILE B 318 -8.25 11.39 3.79
N TRP B 319 -7.70 11.38 2.58
CA TRP B 319 -7.65 12.60 1.79
C TRP B 319 -9.02 12.75 1.19
N PRO B 320 -9.91 13.49 1.82
CA PRO B 320 -11.31 13.45 1.41
C PRO B 320 -11.51 13.54 -0.05
N GLY B 321 -10.51 13.94 -0.82
CA GLY B 321 -10.69 14.01 -2.26
C GLY B 321 -10.98 12.67 -2.89
N SER B 322 -10.26 11.64 -2.48
CA SER B 322 -10.24 10.38 -3.19
C SER B 322 -10.55 9.18 -2.34
N GLY B 323 -10.91 9.35 -1.08
CA GLY B 323 -11.23 8.18 -0.32
C GLY B 323 -10.04 7.34 0.08
N GLY B 324 -8.83 7.82 -0.11
CA GLY B 324 -7.66 7.07 0.33
C GLY B 324 -7.65 6.92 1.83
N THR B 325 -7.25 5.75 2.30
CA THR B 325 -7.08 5.52 3.72
C THR B 325 -5.64 5.08 3.99
N ASN B 326 -5.08 5.56 5.10
CA ASN B 326 -3.74 5.16 5.48
C ASN B 326 -3.85 4.72 6.92
N TYR B 327 -4.39 3.53 7.15
CA TYR B 327 -4.70 3.10 8.49
C TYR B 327 -3.43 2.85 9.30
N ALA B 328 -3.55 2.97 10.62
CA ALA B 328 -2.44 2.68 11.51
C ALA B 328 -2.40 1.20 11.87
N GLU B 329 -1.20 0.75 12.25
CA GLU B 329 -0.96 -0.68 12.43
C GLU B 329 -1.76 -1.22 13.61
N LYS B 330 -1.82 -0.47 14.70
CA LYS B 330 -2.45 -1.01 15.90
C LYS B 330 -3.91 -1.34 15.66
N PHE B 331 -4.57 -0.70 14.71
CA PHE B 331 -5.96 -0.97 14.40
C PHE B 331 -6.16 -1.46 12.97
N LYS B 332 -5.09 -1.99 12.36
CA LYS B 332 -4.99 -2.11 10.91
C LYS B 332 -6.13 -2.92 10.30
N ASN B 333 -6.74 -3.81 11.07
CA ASN B 333 -7.84 -4.61 10.54
C ASN B 333 -9.13 -4.38 11.30
N ARG B 334 -9.33 -3.19 11.86
CA ARG B 334 -10.54 -2.96 12.63
C ARG B 334 -11.23 -1.65 12.30
N VAL B 335 -10.50 -0.72 11.69
CA VAL B 335 -11.01 0.61 11.44
C VAL B 335 -11.27 0.76 9.96
N THR B 336 -12.22 1.62 9.63
CA THR B 336 -12.56 1.91 8.24
C THR B 336 -13.00 3.35 8.15
N MET B 337 -12.31 4.14 7.35
CA MET B 337 -12.52 5.58 7.31
C MET B 337 -13.08 5.94 5.95
N THR B 338 -14.31 6.37 5.90
CA THR B 338 -14.90 6.79 4.65
C THR B 338 -15.36 8.23 4.75
N ARG B 339 -15.75 8.79 3.61
CA ARG B 339 -16.11 10.19 3.58
C ARG B 339 -17.13 10.43 2.47
N ASP B 340 -17.97 11.43 2.70
CA ASP B 340 -18.92 11.90 1.72
C ASP B 340 -18.59 13.36 1.45
N THR B 341 -17.73 13.58 0.46
CA THR B 341 -17.37 14.93 0.08
C THR B 341 -18.61 15.76 -0.20
N SER B 342 -19.68 15.08 -0.66
CA SER B 342 -20.95 15.75 -0.87
C SER B 342 -21.37 16.54 0.36
N ILE B 343 -21.53 15.88 1.49
CA ILE B 343 -22.15 16.50 2.64
C ILE B 343 -21.12 17.13 3.56
N SER B 344 -19.85 17.07 3.18
CA SER B 344 -18.78 17.72 3.91
C SER B 344 -18.70 17.19 5.34
N THR B 345 -18.73 15.87 5.43
CA THR B 345 -18.57 15.20 6.69
C THR B 345 -17.79 13.92 6.46
N ALA B 346 -16.95 13.56 7.42
CA ALA B 346 -16.09 12.40 7.29
C ALA B 346 -16.49 11.40 8.35
N TYR B 347 -16.77 10.18 7.93
CA TYR B 347 -17.18 9.18 8.89
C TYR B 347 -16.01 8.24 9.15
N MET B 348 -16.07 7.52 10.26
CA MET B 348 -14.99 6.61 10.62
C MET B 348 -15.63 5.51 11.46
N GLU B 349 -15.88 4.37 10.84
CA GLU B 349 -16.61 3.28 11.49
C GLU B 349 -15.60 2.29 12.03
N LEU B 350 -15.43 2.29 13.36
CA LEU B 350 -14.55 1.35 14.03
C LEU B 350 -15.38 0.15 14.42
N SER B 351 -15.23 -0.94 13.68
CA SER B 351 -16.04 -2.12 13.91
C SER B 351 -15.35 -3.07 14.88
N ARG B 352 -16.12 -4.02 15.40
CA ARG B 352 -15.65 -4.98 16.38
C ARG B 352 -15.01 -4.25 17.57
N LEU B 353 -15.81 -3.37 18.18
CA LEU B 353 -15.29 -2.57 19.28
C LEU B 353 -14.91 -3.46 20.46
N ARG B 354 -13.81 -3.11 21.12
CA ARG B 354 -13.32 -3.89 22.23
C ARG B 354 -13.31 -3.01 23.48
N SER B 355 -13.03 -3.66 24.61
CA SER B 355 -13.24 -3.00 25.89
C SER B 355 -12.34 -1.79 26.03
N ASP B 356 -11.10 -1.90 25.59
CA ASP B 356 -10.16 -0.81 25.73
C ASP B 356 -10.28 0.22 24.61
N ASP B 357 -11.28 0.11 23.77
CA ASP B 357 -11.36 1.03 22.65
C ASP B 357 -11.97 2.37 23.04
N THR B 358 -12.42 2.51 24.28
CA THR B 358 -13.17 3.69 24.67
C THR B 358 -12.28 4.91 24.62
N ALA B 359 -12.56 5.79 23.67
CA ALA B 359 -11.70 6.95 23.44
C ALA B 359 -12.51 7.98 22.68
N VAL B 360 -12.01 9.20 22.68
CA VAL B 360 -12.73 10.32 22.13
C VAL B 360 -12.06 10.64 20.80
N TYR B 361 -12.76 10.37 19.70
CA TYR B 361 -12.11 10.42 18.39
C TYR B 361 -12.04 11.87 17.92
N TYR B 362 -11.14 12.61 18.53
CA TYR B 362 -10.90 13.97 18.08
C TYR B 362 -10.46 13.92 16.63
N CYS B 363 -11.20 14.60 15.75
CA CYS B 363 -11.01 14.49 14.30
C CYS B 363 -10.38 15.75 13.72
N ALA B 364 -9.05 15.80 13.72
CA ALA B 364 -8.34 17.01 13.30
C ALA B 364 -8.01 17.01 11.82
N ARG B 365 -7.56 18.16 11.33
CA ARG B 365 -7.33 18.41 9.92
C ARG B 365 -5.85 18.55 9.64
N SER B 366 -5.26 17.55 8.99
CA SER B 366 -3.81 17.40 8.94
C SER B 366 -3.19 18.42 8.02
N GLY B 367 -2.15 19.07 8.50
CA GLY B 367 -1.79 20.38 8.01
C GLY B 367 -0.70 20.43 6.96
N GLY B 368 -0.27 21.66 6.70
CA GLY B 368 0.80 21.96 5.78
C GLY B 368 2.20 21.75 6.31
N PRO B 369 2.65 22.66 7.17
CA PRO B 369 3.88 22.42 7.95
C PRO B 369 3.64 22.08 9.41
N TYR B 370 2.40 21.90 9.84
CA TYR B 370 2.14 21.51 11.21
C TYR B 370 1.05 20.45 11.21
N PHE B 371 1.38 19.26 11.70
CA PHE B 371 0.40 18.18 11.69
C PHE B 371 -0.67 18.41 12.75
N PHE B 372 -1.89 17.97 12.46
CA PHE B 372 -3.01 18.17 13.37
C PHE B 372 -3.18 19.65 13.70
N ASP B 373 -3.63 20.42 12.70
CA ASP B 373 -3.80 21.86 12.88
C ASP B 373 -4.99 22.19 13.76
N TYR B 374 -6.20 22.15 13.22
CA TYR B 374 -7.39 22.57 13.94
C TYR B 374 -8.28 21.36 14.15
N TRP B 375 -8.90 21.29 15.31
CA TRP B 375 -9.46 20.05 15.79
C TRP B 375 -10.95 20.21 16.07
N GLY B 376 -11.63 19.10 16.11
CA GLY B 376 -13.05 19.10 16.35
C GLY B 376 -13.39 19.00 17.80
N GLN B 377 -14.68 19.04 18.09
CA GLN B 377 -15.10 18.89 19.47
C GLN B 377 -14.64 17.58 20.06
N GLY B 378 -14.80 16.50 19.31
CA GLY B 378 -14.40 15.21 19.81
C GLY B 378 -15.58 14.37 20.23
N THR B 379 -15.63 13.12 19.80
CA THR B 379 -16.79 12.29 20.07
C THR B 379 -16.36 11.11 20.95
N LEU B 380 -16.59 11.24 22.26
CA LEU B 380 -16.31 10.16 23.19
C LEU B 380 -17.22 8.97 22.91
N VAL B 381 -16.67 7.77 23.00
CA VAL B 381 -17.42 6.54 22.80
C VAL B 381 -16.96 5.55 23.86
N THR B 382 -17.68 5.48 24.97
CA THR B 382 -17.39 4.51 26.01
C THR B 382 -18.16 3.24 25.72
N VAL B 383 -17.46 2.12 25.65
CA VAL B 383 -18.08 0.83 25.38
C VAL B 383 -17.69 -0.12 26.50
N SER B 384 -18.68 -0.75 27.11
CA SER B 384 -18.38 -1.60 28.25
C SER B 384 -19.10 -2.92 28.09
N SER B 385 -18.69 -3.92 28.88
CA SER B 385 -19.30 -5.27 28.77
C SER B 385 -19.87 -5.71 30.12
N ALA B 386 -20.67 -6.78 30.13
CA ALA B 386 -21.28 -7.28 31.39
C ALA B 386 -20.46 -8.47 31.92
N GLY B 387 -21.08 -9.31 32.75
CA GLY B 387 -20.39 -10.47 33.32
C GLY B 387 -19.92 -11.43 32.23
N GLY B 388 -20.72 -11.59 31.17
CA GLY B 388 -20.35 -12.49 30.05
C GLY B 388 -20.02 -13.87 30.56
N GLY B 389 -20.91 -14.47 31.35
CA GLY B 389 -20.66 -15.82 31.90
C GLY B 389 -19.36 -15.87 32.68
N GLY B 390 -19.17 -14.94 33.62
CA GLY B 390 -17.93 -14.89 34.41
C GLY B 390 -17.68 -16.20 35.13
N SER B 391 -18.73 -16.77 35.74
CA SER B 391 -18.60 -18.08 36.42
C SER B 391 -17.78 -19.04 35.54
N ASP B 392 -18.09 -19.09 34.24
CA ASP B 392 -17.36 -19.94 33.30
C ASP B 392 -17.08 -21.25 33.99
N ILE B 393 -18.14 -21.96 34.36
CA ILE B 393 -18.10 -22.96 35.44
C ILE B 393 -16.89 -23.87 35.26
N GLN B 394 -16.05 -23.93 36.28
CA GLN B 394 -14.68 -24.38 36.13
C GLN B 394 -14.56 -25.87 36.39
N MET B 395 -13.57 -26.49 35.76
CA MET B 395 -13.14 -27.85 36.05
C MET B 395 -11.78 -27.79 36.72
N THR B 396 -11.61 -28.61 37.76
CA THR B 396 -10.34 -28.74 38.47
C THR B 396 -9.90 -30.20 38.43
N GLN B 397 -8.67 -30.45 38.02
CA GLN B 397 -8.13 -31.79 37.89
C GLN B 397 -7.06 -32.02 38.94
N SER B 398 -6.97 -33.26 39.45
CA SER B 398 -6.00 -33.63 40.47
C SER B 398 -5.59 -35.09 40.26
N PRO B 399 -4.29 -35.39 40.31
CA PRO B 399 -3.18 -34.46 40.54
C PRO B 399 -2.73 -33.74 39.27
N SER B 400 -2.02 -32.61 39.40
CA SER B 400 -1.57 -31.88 38.22
C SER B 400 -0.48 -32.64 37.48
N SER B 401 0.37 -33.37 38.20
CA SER B 401 1.38 -34.21 37.58
C SER B 401 1.45 -35.50 38.38
N LEU B 402 1.53 -36.63 37.67
CA LEU B 402 1.52 -37.92 38.33
C LEU B 402 2.60 -38.80 37.73
N SER B 403 3.42 -39.39 38.58
CA SER B 403 4.43 -40.36 38.17
C SER B 403 4.05 -41.71 38.75
N ALA B 404 3.93 -42.72 37.88
CA ALA B 404 3.57 -44.05 38.32
C ALA B 404 4.37 -45.07 37.51
N SER B 405 4.51 -46.26 38.07
CA SER B 405 5.25 -47.35 37.44
C SER B 405 4.39 -48.04 36.39
N VAL B 406 5.04 -48.65 35.40
CA VAL B 406 4.32 -49.44 34.40
C VAL B 406 3.55 -50.55 35.11
N GLY B 407 2.24 -50.60 34.85
CA GLY B 407 1.35 -51.55 35.50
C GLY B 407 0.57 -51.00 36.67
N ASP B 408 0.98 -49.85 37.21
CA ASP B 408 0.26 -49.28 38.34
C ASP B 408 -1.08 -48.71 37.89
N ARG B 409 -2.03 -48.71 38.82
CA ARG B 409 -3.33 -48.12 38.56
C ARG B 409 -3.25 -46.63 38.83
N VAL B 410 -3.66 -45.83 37.84
CA VAL B 410 -3.64 -44.38 37.96
C VAL B 410 -5.07 -43.89 37.94
N THR B 411 -5.44 -43.06 38.89
CA THR B 411 -6.79 -42.50 39.00
C THR B 411 -6.69 -41.00 38.92
N ILE B 412 -7.42 -40.39 38.01
CA ILE B 412 -7.44 -38.95 37.85
C ILE B 412 -8.86 -38.47 38.10
N THR B 413 -9.00 -37.48 38.97
CA THR B 413 -10.30 -36.92 39.32
C THR B 413 -10.46 -35.55 38.67
N CYS B 414 -11.70 -35.23 38.31
CA CYS B 414 -12.02 -33.92 37.74
C CYS B 414 -13.27 -33.42 38.44
N SER B 415 -13.16 -32.28 39.11
CA SER B 415 -14.25 -31.71 39.87
C SER B 415 -14.76 -30.47 39.13
N ALA B 416 -16.07 -30.40 38.95
CA ALA B 416 -16.69 -29.28 38.27
C ALA B 416 -17.24 -28.32 39.30
N SER B 417 -17.14 -27.03 39.00
CA SER B 417 -17.72 -26.03 39.89
C SER B 417 -19.23 -26.14 39.94
N SER B 418 -19.85 -26.71 38.90
CA SER B 418 -21.29 -26.88 38.85
C SER B 418 -21.56 -28.23 38.20
N SER B 419 -22.77 -28.73 38.41
CA SER B 419 -23.13 -30.00 37.80
C SER B 419 -23.03 -29.89 36.29
N VAL B 420 -22.23 -30.77 35.70
CA VAL B 420 -22.12 -30.88 34.26
C VAL B 420 -22.71 -32.21 33.87
N SER B 421 -23.51 -32.21 32.82
CA SER B 421 -24.26 -33.40 32.45
C SER B 421 -23.32 -34.51 32.02
N TYR B 422 -22.36 -34.18 31.16
CA TYR B 422 -21.41 -35.17 30.67
C TYR B 422 -20.01 -34.59 30.80
N MET B 423 -19.04 -35.49 31.01
CA MET B 423 -17.64 -35.12 31.09
C MET B 423 -16.89 -35.87 29.99
N ASN B 424 -15.88 -35.22 29.43
CA ASN B 424 -15.05 -35.83 28.40
C ASN B 424 -13.59 -35.82 28.86
N TRP B 425 -12.85 -36.83 28.44
CA TRP B 425 -11.42 -36.92 28.69
C TRP B 425 -10.68 -36.84 27.37
N TYR B 426 -9.67 -35.98 27.31
CA TYR B 426 -8.88 -35.79 26.10
C TYR B 426 -7.41 -36.00 26.43
N GLN B 427 -6.71 -36.70 25.54
CA GLN B 427 -5.29 -37.00 25.70
C GLN B 427 -4.52 -36.13 24.74
N GLN B 428 -3.50 -35.46 25.25
CA GLN B 428 -2.60 -34.64 24.44
C GLN B 428 -1.18 -35.08 24.74
N THR B 429 -0.59 -35.81 23.81
CA THR B 429 0.82 -36.07 23.95
C THR B 429 1.58 -34.78 23.69
N PRO B 430 2.70 -34.54 24.37
CA PRO B 430 3.46 -33.31 24.12
C PRO B 430 3.75 -33.16 22.64
N GLY B 431 3.40 -32.00 22.10
CA GLY B 431 3.53 -31.75 20.70
C GLY B 431 2.43 -32.31 19.84
N LYS B 432 1.45 -32.98 20.44
CA LYS B 432 0.32 -33.54 19.70
C LYS B 432 -0.98 -32.87 20.13
N ALA B 433 -1.94 -32.88 19.23
CA ALA B 433 -3.23 -32.29 19.49
C ALA B 433 -4.00 -33.12 20.49
N PRO B 434 -4.96 -32.52 21.19
CA PRO B 434 -5.84 -33.31 22.05
C PRO B 434 -6.62 -34.31 21.24
N LYS B 435 -6.77 -35.50 21.79
CA LYS B 435 -7.53 -36.57 21.16
C LYS B 435 -8.65 -36.98 22.10
N ARG B 436 -9.85 -37.08 21.56
CA ARG B 436 -10.98 -37.58 22.34
C ARG B 436 -10.68 -39.00 22.80
N TRP B 437 -10.79 -39.24 24.10
CA TRP B 437 -10.48 -40.52 24.69
C TRP B 437 -11.69 -41.14 25.36
N ILE B 438 -12.40 -40.36 26.18
CA ILE B 438 -13.61 -40.82 26.83
C ILE B 438 -14.72 -39.83 26.55
N TYR B 439 -15.85 -40.31 26.06
CA TYR B 439 -17.00 -39.49 25.76
C TYR B 439 -18.16 -39.94 26.63
N ASP B 440 -19.08 -39.02 26.90
CA ASP B 440 -20.28 -39.31 27.69
C ASP B 440 -19.93 -39.80 29.09
N THR B 441 -18.71 -39.48 29.55
CA THR B 441 -18.24 -39.67 30.91
C THR B 441 -17.93 -41.13 31.21
N SER B 442 -18.20 -42.02 30.27
CA SER B 442 -17.85 -43.41 30.42
C SER B 442 -17.51 -44.10 29.12
N LYS B 443 -17.72 -43.49 27.96
CA LYS B 443 -17.59 -44.18 26.69
C LYS B 443 -16.20 -43.91 26.09
N LEU B 444 -15.48 -44.99 25.79
CA LEU B 444 -14.12 -44.89 25.29
C LEU B 444 -14.15 -44.65 23.80
N ALA B 445 -13.35 -43.69 23.35
CA ALA B 445 -13.28 -43.37 21.93
C ALA B 445 -12.73 -44.55 21.16
N SER B 446 -12.95 -44.53 19.85
CA SER B 446 -12.44 -45.60 19.00
C SER B 446 -10.93 -45.69 19.12
N GLY B 447 -10.44 -46.88 19.38
CA GLY B 447 -9.03 -47.08 19.57
C GLY B 447 -8.55 -46.88 20.98
N VAL B 448 -9.41 -46.43 21.89
CA VAL B 448 -9.00 -46.23 23.28
C VAL B 448 -8.95 -47.59 23.98
N PRO B 449 -7.83 -47.96 24.58
CA PRO B 449 -7.76 -49.26 25.26
C PRO B 449 -8.70 -49.32 26.45
N SER B 450 -9.18 -50.53 26.75
CA SER B 450 -10.15 -50.72 27.83
C SER B 450 -9.56 -50.47 29.22
N ARG B 451 -8.23 -50.40 29.35
CA ARG B 451 -7.63 -50.14 30.66
C ARG B 451 -7.93 -48.74 31.16
N PHE B 452 -8.28 -47.81 30.29
CA PHE B 452 -8.72 -46.49 30.69
C PHE B 452 -10.21 -46.53 30.99
N SER B 453 -10.62 -45.79 32.02
CA SER B 453 -12.01 -45.80 32.41
C SER B 453 -12.37 -44.45 33.02
N GLY B 454 -13.54 -43.96 32.64
CA GLY B 454 -14.07 -42.72 33.17
C GLY B 454 -15.35 -42.97 33.94
N SER B 455 -15.49 -42.28 35.06
CA SER B 455 -16.64 -42.46 35.93
C SER B 455 -16.89 -41.16 36.68
N GLY B 456 -18.15 -40.96 37.06
CA GLY B 456 -18.55 -39.79 37.80
C GLY B 456 -19.89 -39.23 37.40
N SER B 457 -20.36 -38.24 38.15
CA SER B 457 -21.65 -37.64 37.90
C SER B 457 -21.70 -36.30 38.61
N GLY B 458 -22.49 -35.39 38.06
CA GLY B 458 -22.66 -34.09 38.66
C GLY B 458 -21.41 -33.25 38.58
N THR B 459 -20.77 -33.04 39.73
CA THR B 459 -19.57 -32.22 39.82
C THR B 459 -18.32 -33.01 40.13
N ASP B 460 -18.40 -34.34 40.14
CA ASP B 460 -17.25 -35.19 40.43
C ASP B 460 -17.11 -36.21 39.29
N TYR B 461 -15.92 -36.27 38.70
CA TYR B 461 -15.60 -37.22 37.66
C TYR B 461 -14.22 -37.80 37.94
N THR B 462 -14.04 -39.07 37.56
CA THR B 462 -12.78 -39.76 37.80
C THR B 462 -12.33 -40.45 36.52
N PHE B 463 -11.03 -40.41 36.26
CA PHE B 463 -10.42 -41.13 35.15
C PHE B 463 -9.43 -42.12 35.73
N THR B 464 -9.62 -43.39 35.41
CA THR B 464 -8.83 -44.46 35.97
C THR B 464 -8.13 -45.21 34.85
N ILE B 465 -6.82 -45.33 34.97
CA ILE B 465 -6.01 -46.17 34.09
C ILE B 465 -5.66 -47.40 34.90
N SER B 466 -6.21 -48.54 34.51
CA SER B 466 -6.04 -49.76 35.31
C SER B 466 -4.60 -50.25 35.31
N SER B 467 -3.89 -50.13 34.20
CA SER B 467 -2.54 -50.65 34.08
C SER B 467 -1.71 -49.68 33.25
N LEU B 468 -0.79 -48.98 33.90
CA LEU B 468 0.01 -47.98 33.21
C LEU B 468 0.92 -48.62 32.16
N GLN B 469 0.97 -48.00 30.99
CA GLN B 469 1.87 -48.42 29.93
C GLN B 469 2.79 -47.26 29.58
N PRO B 470 4.00 -47.52 29.08
CA PRO B 470 4.89 -46.41 28.72
C PRO B 470 4.29 -45.48 27.69
N GLU B 471 3.51 -46.01 26.76
CA GLU B 471 2.92 -45.17 25.72
C GLU B 471 1.85 -44.25 26.26
N ASP B 472 1.43 -44.43 27.52
CA ASP B 472 0.41 -43.58 28.12
C ASP B 472 0.97 -42.25 28.63
N ILE B 473 2.26 -42.01 28.44
CA ILE B 473 2.84 -40.73 28.89
C ILE B 473 2.29 -39.62 28.02
N ALA B 474 1.51 -38.71 28.63
CA ALA B 474 0.87 -37.58 27.98
C ALA B 474 0.15 -36.75 29.04
N THR B 475 -0.48 -35.66 28.60
CA THR B 475 -1.24 -34.77 29.48
C THR B 475 -2.73 -35.03 29.28
N TYR B 476 -3.46 -35.22 30.38
CA TYR B 476 -4.88 -35.53 30.33
C TYR B 476 -5.72 -34.35 30.82
N TYR B 477 -6.70 -33.95 30.00
CA TYR B 477 -7.56 -32.82 30.33
C TYR B 477 -9.01 -33.25 30.35
N CYS B 478 -9.72 -32.83 31.39
CA CYS B 478 -11.16 -33.06 31.50
C CYS B 478 -11.90 -31.82 31.02
N GLN B 479 -13.07 -32.03 30.42
CA GLN B 479 -13.77 -30.94 29.76
C GLN B 479 -15.27 -31.07 30.00
N GLN B 480 -15.91 -29.94 30.28
CA GLN B 480 -17.37 -29.88 30.42
C GLN B 480 -17.97 -29.11 29.24
N TRP B 481 -19.13 -29.56 28.80
CA TRP B 481 -19.83 -28.95 27.68
C TRP B 481 -21.25 -28.54 28.01
N SER B 482 -21.70 -28.72 29.26
CA SER B 482 -23.08 -28.39 29.63
C SER B 482 -23.42 -26.95 29.31
N SER B 483 -22.44 -26.05 29.31
CA SER B 483 -22.67 -24.65 29.00
C SER B 483 -21.46 -24.07 28.30
N ASN B 484 -21.71 -23.11 27.40
CA ASN B 484 -20.62 -22.37 26.81
C ASN B 484 -20.08 -21.37 27.84
N PRO B 485 -18.77 -21.10 27.81
CA PRO B 485 -17.79 -21.72 26.92
C PRO B 485 -17.35 -23.08 27.42
N PHE B 486 -16.88 -23.96 26.55
CA PHE B 486 -16.35 -25.24 26.99
C PHE B 486 -15.20 -25.04 27.96
N THR B 487 -15.26 -25.69 29.11
CA THR B 487 -14.24 -25.50 30.13
C THR B 487 -13.41 -26.77 30.23
N PHE B 488 -12.10 -26.59 30.30
CA PHE B 488 -11.16 -27.71 30.36
C PHE B 488 -10.47 -27.75 31.71
N GLY B 489 -10.24 -28.96 32.20
CA GLY B 489 -9.41 -29.12 33.38
C GLY B 489 -7.98 -28.72 33.09
N GLN B 490 -7.26 -28.42 34.16
CA GLN B 490 -5.92 -27.88 33.98
C GLN B 490 -4.98 -28.88 33.31
N GLY B 491 -5.34 -30.16 33.29
CA GLY B 491 -4.48 -31.16 32.71
C GLY B 491 -3.61 -31.87 33.72
N THR B 492 -3.54 -33.19 33.62
CA THR B 492 -2.77 -34.02 34.55
C THR B 492 -1.57 -34.57 33.81
N LYS B 493 -0.37 -34.23 34.29
CA LYS B 493 0.85 -34.68 33.64
C LYS B 493 1.22 -36.07 34.19
N LEU B 494 1.09 -37.08 33.35
CA LEU B 494 1.38 -38.45 33.74
C LEU B 494 2.75 -38.84 33.22
N GLN B 495 3.63 -39.25 34.13
CA GLN B 495 4.99 -39.67 33.79
C GLN B 495 5.22 -41.06 34.36
N ILE B 496 6.17 -41.76 33.78
CA ILE B 496 6.56 -43.08 34.23
C ILE B 496 7.88 -42.96 34.98
N THR B 497 7.93 -43.49 36.19
CA THR B 497 9.13 -43.39 37.02
C THR B 497 10.25 -44.23 36.46
N MET C 1 -39.83 -35.69 24.15
CA MET C 1 -41.18 -35.69 23.57
C MET C 1 -42.01 -36.83 24.13
N GLN C 2 -41.79 -38.04 23.60
CA GLN C 2 -42.48 -39.21 24.12
C GLN C 2 -41.97 -39.58 25.51
N SER C 3 -40.72 -39.25 25.81
CA SER C 3 -40.14 -39.62 27.09
C SER C 3 -40.60 -38.65 28.17
N ILE C 4 -40.72 -39.17 29.39
CA ILE C 4 -41.01 -38.36 30.56
C ILE C 4 -39.77 -38.04 31.38
N LYS C 5 -38.61 -38.60 31.01
CA LYS C 5 -37.38 -38.28 31.71
C LYS C 5 -37.10 -36.79 31.63
N GLY C 6 -36.59 -36.23 32.72
CA GLY C 6 -36.48 -34.79 32.83
C GLY C 6 -37.68 -34.15 33.47
N ASN C 7 -38.52 -34.93 34.15
CA ASN C 7 -39.72 -34.44 34.82
C ASN C 7 -40.77 -33.94 33.82
N HIS C 8 -40.65 -34.35 32.55
CA HIS C 8 -41.64 -34.00 31.54
C HIS C 8 -42.74 -35.06 31.56
N LEU C 9 -43.39 -35.16 32.71
CA LEU C 9 -44.39 -36.19 32.93
C LEU C 9 -45.70 -35.91 32.21
N VAL C 10 -45.91 -34.67 31.77
CA VAL C 10 -47.17 -34.29 31.14
C VAL C 10 -47.09 -34.57 29.65
N LYS C 11 -48.00 -35.40 29.17
CA LYS C 11 -48.10 -35.74 27.76
C LYS C 11 -49.57 -35.77 27.37
N VAL C 12 -49.84 -35.62 26.08
CA VAL C 12 -51.20 -35.51 25.57
C VAL C 12 -51.70 -36.88 25.16
N TYR C 13 -52.91 -37.24 25.58
CA TYR C 13 -53.52 -38.50 25.16
C TYR C 13 -54.03 -38.35 23.74
N ASP C 14 -53.27 -38.85 22.77
CA ASP C 14 -53.74 -38.82 21.39
C ASP C 14 -54.34 -40.19 21.05
N TYR C 15 -55.32 -40.57 21.87
CA TYR C 15 -56.12 -41.78 21.70
C TYR C 15 -57.58 -41.39 21.87
N GLN C 16 -57.94 -40.27 21.27
CA GLN C 16 -59.28 -39.69 21.39
C GLN C 16 -60.09 -40.01 20.15
N GLU C 17 -61.27 -40.61 20.37
CA GLU C 17 -62.24 -40.83 19.29
C GLU C 17 -62.96 -39.55 18.93
N ASP C 18 -63.23 -38.69 19.92
CA ASP C 18 -63.77 -37.36 19.69
C ASP C 18 -62.65 -36.33 19.80
N GLY C 19 -62.89 -35.15 19.24
CA GLY C 19 -61.84 -34.16 19.18
C GLY C 19 -61.59 -33.51 20.52
N SER C 20 -61.47 -34.32 21.56
CA SER C 20 -61.23 -33.87 22.92
C SER C 20 -59.76 -34.07 23.26
N VAL C 21 -59.22 -33.15 24.04
CA VAL C 21 -57.83 -33.20 24.46
C VAL C 21 -57.79 -33.79 25.86
N LEU C 22 -57.21 -34.98 25.98
CA LEU C 22 -57.02 -35.62 27.27
C LEU C 22 -55.54 -35.57 27.62
N LEU C 23 -55.24 -35.17 28.86
CA LEU C 23 -53.87 -35.09 29.33
C LEU C 23 -53.62 -36.19 30.35
N THR C 24 -52.41 -36.75 30.30
CA THR C 24 -52.05 -37.88 31.15
C THR C 24 -50.93 -37.48 32.10
N CYS C 25 -50.94 -38.08 33.28
CA CYS C 25 -49.97 -37.77 34.33
C CYS C 25 -49.15 -39.00 34.62
N ASP C 26 -47.83 -38.91 34.36
CA ASP C 26 -46.92 -40.02 34.63
C ASP C 26 -46.32 -39.83 36.02
N ALA C 27 -47.14 -40.10 37.04
CA ALA C 27 -46.70 -40.07 38.43
C ALA C 27 -47.16 -41.36 39.08
N GLU C 28 -46.51 -41.72 40.18
CA GLU C 28 -46.99 -42.87 40.94
C GLU C 28 -48.48 -42.68 41.23
N ALA C 29 -49.36 -43.46 40.60
CA ALA C 29 -50.77 -43.17 40.82
C ALA C 29 -51.10 -43.35 42.30
N LYS C 30 -51.27 -42.24 43.01
CA LYS C 30 -51.98 -42.30 44.27
C LYS C 30 -53.10 -41.28 44.23
N ASN C 31 -52.72 -40.03 43.95
CA ASN C 31 -53.64 -38.95 43.64
C ASN C 31 -52.88 -37.98 42.75
N ILE C 32 -53.44 -37.70 41.59
CA ILE C 32 -52.86 -36.75 40.66
C ILE C 32 -53.53 -35.39 40.90
N THR C 33 -52.72 -34.37 41.13
CA THR C 33 -53.20 -33.01 41.29
C THR C 33 -52.75 -32.21 40.07
N TRP C 34 -53.73 -31.65 39.36
CA TRP C 34 -53.48 -30.96 38.10
C TRP C 34 -53.44 -29.46 38.32
N PHE C 35 -52.54 -28.80 37.58
CA PHE C 35 -52.38 -27.36 37.68
C PHE C 35 -52.38 -26.76 36.28
N LYS C 36 -52.85 -25.52 36.19
CA LYS C 36 -52.90 -24.81 34.92
C LYS C 36 -52.40 -23.39 35.17
N ASP C 37 -51.31 -23.02 34.49
CA ASP C 37 -50.66 -21.73 34.67
C ASP C 37 -50.36 -21.46 36.14
N GLY C 38 -49.86 -22.47 36.84
CA GLY C 38 -49.49 -22.36 38.23
C GLY C 38 -50.62 -22.61 39.19
N LYS C 39 -51.85 -22.32 38.78
CA LYS C 39 -53.02 -22.54 39.61
C LYS C 39 -53.52 -23.97 39.40
N MET C 40 -53.85 -24.63 40.50
CA MET C 40 -54.39 -25.98 40.40
C MET C 40 -55.76 -25.96 39.72
N ILE C 41 -55.98 -26.90 38.81
CA ILE C 41 -57.24 -27.03 38.09
C ILE C 41 -57.96 -28.33 38.39
N GLY C 42 -57.40 -29.19 39.23
CA GLY C 42 -58.06 -30.44 39.56
C GLY C 42 -57.22 -31.26 40.50
N PHE C 43 -57.90 -32.16 41.20
CA PHE C 43 -57.26 -33.13 42.09
C PHE C 43 -57.99 -34.45 41.93
N LEU C 44 -57.32 -35.42 41.29
CA LEU C 44 -57.88 -36.72 40.98
C LEU C 44 -57.52 -37.68 42.10
N THR C 45 -58.50 -38.04 42.92
CA THR C 45 -58.29 -38.99 44.02
C THR C 45 -58.58 -40.41 43.51
N GLU C 46 -57.52 -41.12 43.14
CA GLU C 46 -57.59 -42.47 42.59
C GLU C 46 -58.51 -42.41 41.35
N ASP C 47 -59.20 -43.52 41.07
CA ASP C 47 -60.08 -43.65 39.91
C ASP C 47 -59.48 -43.07 38.63
N LYS C 48 -60.09 -42.02 38.12
CA LYS C 48 -59.60 -41.38 36.91
C LYS C 48 -58.28 -40.67 37.19
N LYS C 49 -57.43 -40.63 36.17
CA LYS C 49 -56.18 -39.88 36.28
C LYS C 49 -55.91 -38.96 35.10
N LYS C 50 -56.55 -39.15 33.95
CA LYS C 50 -56.36 -38.24 32.84
C LYS C 50 -57.18 -36.97 33.04
N TRP C 51 -56.63 -35.86 32.56
CA TRP C 51 -57.27 -34.55 32.63
C TRP C 51 -57.82 -34.23 31.25
N ASN C 52 -59.14 -34.01 31.18
CA ASN C 52 -59.76 -33.61 29.95
C ASN C 52 -59.69 -32.10 29.84
N LEU C 53 -59.11 -31.61 28.74
CA LEU C 53 -59.07 -30.19 28.47
C LEU C 53 -60.26 -29.73 27.64
N GLY C 54 -61.15 -30.63 27.29
CA GLY C 54 -62.26 -30.30 26.43
C GLY C 54 -61.97 -30.60 24.98
N SER C 55 -62.90 -30.14 24.14
CA SER C 55 -62.78 -30.36 22.71
C SER C 55 -61.60 -29.56 22.15
N ASN C 56 -60.91 -30.14 21.16
CA ASN C 56 -59.82 -29.43 20.49
C ASN C 56 -60.32 -28.25 19.66
N ALA C 57 -61.61 -28.16 19.40
CA ALA C 57 -62.13 -27.04 18.63
C ALA C 57 -62.12 -25.74 19.43
N LYS C 58 -62.04 -25.82 20.76
CA LYS C 58 -61.97 -24.65 21.62
C LYS C 58 -60.55 -24.16 21.82
N ASP C 59 -59.59 -24.71 21.10
CA ASP C 59 -58.19 -24.28 21.16
C ASP C 59 -57.66 -24.26 22.60
N PRO C 60 -57.58 -25.40 23.27
CA PRO C 60 -57.03 -25.40 24.63
C PRO C 60 -55.57 -24.97 24.62
N ARG C 61 -55.21 -24.13 25.57
CA ARG C 61 -53.85 -23.60 25.64
C ARG C 61 -53.48 -23.31 27.08
N GLY C 62 -52.20 -23.44 27.39
CA GLY C 62 -51.69 -23.15 28.71
C GLY C 62 -50.58 -24.09 29.07
N MET C 63 -49.88 -23.75 30.14
CA MET C 63 -48.79 -24.58 30.67
C MET C 63 -49.39 -25.50 31.72
N TYR C 64 -49.55 -26.77 31.38
CA TYR C 64 -50.19 -27.75 32.24
C TYR C 64 -49.14 -28.61 32.92
N GLN C 65 -49.31 -28.84 34.21
CA GLN C 65 -48.39 -29.66 34.99
C GLN C 65 -49.17 -30.41 36.06
N CYS C 66 -48.68 -31.59 36.43
CA CYS C 66 -49.34 -32.46 37.41
C CYS C 66 -48.40 -32.71 38.59
N LYS C 67 -48.90 -33.48 39.55
CA LYS C 67 -48.12 -33.83 40.73
C LYS C 67 -48.80 -35.01 41.39
N GLY C 68 -48.05 -36.08 41.65
CA GLY C 68 -48.56 -37.16 42.44
C GLY C 68 -48.19 -36.97 43.90
N SER C 69 -47.43 -37.90 44.46
CA SER C 69 -46.89 -37.70 45.80
C SER C 69 -45.59 -36.91 45.77
N GLN C 70 -44.94 -36.79 44.62
CA GLN C 70 -43.67 -36.10 44.49
C GLN C 70 -43.93 -34.61 44.23
N ASN C 71 -42.89 -33.87 43.89
CA ASN C 71 -43.05 -32.46 43.58
C ASN C 71 -43.60 -32.30 42.16
N LYS C 72 -44.02 -31.08 41.86
CA LYS C 72 -44.63 -30.79 40.57
C LYS C 72 -43.69 -31.19 39.44
N SER C 73 -44.28 -31.73 38.37
CA SER C 73 -43.52 -32.08 37.19
C SER C 73 -43.31 -30.85 36.30
N LYS C 74 -42.45 -31.02 35.29
CA LYS C 74 -42.22 -29.95 34.34
C LYS C 74 -43.48 -29.68 33.51
N PRO C 75 -43.69 -28.43 33.10
CA PRO C 75 -44.94 -28.09 32.41
C PRO C 75 -44.97 -28.63 30.99
N LEU C 76 -46.19 -28.73 30.47
CA LEU C 76 -46.41 -29.07 29.07
C LEU C 76 -47.25 -27.97 28.44
N GLN C 77 -46.60 -27.12 27.65
CA GLN C 77 -47.26 -26.01 27.01
C GLN C 77 -48.17 -26.54 25.91
N VAL C 78 -49.47 -26.49 26.13
CA VAL C 78 -50.46 -26.88 25.14
C VAL C 78 -50.84 -25.65 24.33
N TYR C 79 -50.91 -25.81 23.01
CA TYR C 79 -51.25 -24.71 22.11
C TYR C 79 -52.04 -25.30 20.95
N TYR C 80 -53.36 -25.20 21.03
CA TYR C 80 -54.25 -25.71 20.00
C TYR C 80 -54.75 -24.53 19.17
N ARG C 81 -54.87 -24.75 17.85
CA ARG C 81 -55.43 -23.71 16.99
C ARG C 81 -56.16 -24.41 15.85
N MET C 82 -57.47 -24.58 16.04
CA MET C 82 -58.30 -25.33 15.11
C MET C 82 -59.31 -24.43 14.43
N GLN C 119 -42.89 -18.46 34.03
CA GLN C 119 -41.95 -19.03 33.09
C GLN C 119 -42.32 -18.64 31.66
N THR C 120 -41.39 -18.03 30.95
CA THR C 120 -41.60 -17.66 29.56
C THR C 120 -41.91 -18.90 28.73
N PRO C 121 -43.05 -18.95 28.04
CA PRO C 121 -43.35 -20.08 27.16
C PRO C 121 -42.89 -19.82 25.73
N TYR C 122 -42.93 -20.88 24.93
CA TYR C 122 -42.59 -20.77 23.51
C TYR C 122 -43.63 -19.91 22.80
N LYS C 123 -43.17 -19.12 21.84
CA LYS C 123 -44.03 -18.20 21.10
C LYS C 123 -44.46 -18.84 19.79
N VAL C 124 -45.76 -18.77 19.50
CA VAL C 124 -46.33 -19.36 18.29
C VAL C 124 -47.03 -18.27 17.48
N SER C 125 -46.72 -18.22 16.18
CA SER C 125 -47.34 -17.27 15.27
C SER C 125 -47.76 -18.00 14.00
N ILE C 126 -48.97 -17.72 13.52
CA ILE C 126 -49.50 -18.31 12.30
C ILE C 126 -49.80 -17.20 11.31
N SER C 127 -49.25 -17.32 10.10
CA SER C 127 -49.48 -16.35 9.03
C SER C 127 -49.78 -17.12 7.76
N GLY C 128 -51.06 -17.22 7.40
CA GLY C 128 -51.47 -18.05 6.28
C GLY C 128 -51.29 -19.53 6.53
N THR C 129 -50.30 -20.13 5.88
CA THR C 129 -49.95 -21.53 6.07
C THR C 129 -48.59 -21.72 6.71
N THR C 130 -48.02 -20.67 7.30
CA THR C 130 -46.67 -20.72 7.86
C THR C 130 -46.76 -20.71 9.39
N VAL C 131 -46.06 -21.64 10.03
CA VAL C 131 -46.01 -21.74 11.48
C VAL C 131 -44.59 -21.39 11.92
N ILE C 132 -44.47 -20.37 12.78
CA ILE C 132 -43.17 -19.88 13.25
C ILE C 132 -43.12 -20.05 14.76
N LEU C 133 -42.02 -20.63 15.24
CA LEU C 133 -41.83 -20.85 16.67
C LEU C 133 -40.63 -20.06 17.18
N THR C 134 -40.78 -19.50 18.38
CA THR C 134 -39.71 -18.72 18.99
C THR C 134 -39.29 -19.40 20.30
N CYS C 135 -38.01 -19.68 20.43
CA CYS C 135 -37.52 -20.29 21.65
C CYS C 135 -37.69 -19.33 22.83
N PRO C 136 -38.29 -19.77 23.94
CA PRO C 136 -38.40 -18.89 25.12
C PRO C 136 -37.06 -18.41 25.67
N GLN C 137 -36.05 -19.26 25.71
CA GLN C 137 -34.74 -18.89 26.22
C GLN C 137 -33.75 -18.94 25.06
N TYR C 138 -33.27 -17.78 24.64
CA TYR C 138 -32.28 -17.66 23.57
C TYR C 138 -31.08 -16.85 24.06
N PRO C 139 -30.22 -17.46 24.88
CA PRO C 139 -29.05 -16.72 25.40
C PRO C 139 -28.01 -16.39 24.34
N GLY C 140 -28.29 -16.73 23.08
CA GLY C 140 -27.39 -16.44 21.99
C GLY C 140 -26.49 -17.58 21.55
N SER C 141 -26.62 -18.75 22.14
CA SER C 141 -25.95 -19.94 21.66
C SER C 141 -26.75 -20.57 20.51
N GLU C 142 -26.10 -21.49 19.81
CA GLU C 142 -26.76 -22.20 18.72
C GLU C 142 -27.96 -23.00 19.25
N ILE C 143 -29.17 -22.58 18.87
CA ILE C 143 -30.40 -23.23 19.33
C ILE C 143 -30.76 -24.32 18.35
N LEU C 144 -30.97 -25.53 18.86
CA LEU C 144 -31.40 -26.65 18.05
C LEU C 144 -32.83 -27.01 18.39
N TRP C 145 -33.53 -27.56 17.40
CA TRP C 145 -34.94 -27.90 17.53
C TRP C 145 -35.13 -29.38 17.22
N GLN C 146 -36.12 -29.97 17.88
CA GLN C 146 -36.45 -31.37 17.69
C GLN C 146 -37.97 -31.50 17.67
N HIS C 147 -38.48 -32.31 16.75
CA HIS C 147 -39.91 -32.48 16.58
C HIS C 147 -40.25 -33.95 16.80
N ASN C 148 -41.06 -34.23 17.81
CA ASN C 148 -41.33 -35.59 18.28
C ASN C 148 -40.02 -36.37 18.40
N ASP C 149 -39.12 -35.83 19.22
CA ASP C 149 -37.78 -36.38 19.43
C ASP C 149 -37.01 -36.52 18.12
N LYS C 150 -37.27 -35.65 17.15
CA LYS C 150 -36.56 -35.69 15.88
C LYS C 150 -36.07 -34.31 15.53
N ASN C 151 -34.75 -34.19 15.36
CA ASN C 151 -34.13 -32.90 15.11
C ASN C 151 -34.71 -32.26 13.87
N ILE C 152 -34.84 -30.94 13.93
CA ILE C 152 -35.43 -30.15 12.85
C ILE C 152 -34.79 -28.77 12.85
N GLY C 153 -34.80 -28.13 11.68
CA GLY C 153 -34.19 -26.84 11.50
C GLY C 153 -32.70 -26.86 11.26
N GLY C 154 -32.12 -28.04 11.07
CA GLY C 154 -30.69 -28.16 10.85
C GLY C 154 -30.30 -28.14 9.38
N ASP C 155 -30.94 -28.99 8.58
CA ASP C 155 -30.55 -29.11 7.17
C ASP C 155 -31.19 -28.00 6.34
N GLU C 156 -30.41 -27.42 5.42
CA GLU C 156 -30.91 -26.42 4.48
C GLU C 156 -31.65 -27.04 3.30
N ASP C 157 -31.65 -28.37 3.16
CA ASP C 157 -32.32 -29.10 2.10
C ASP C 157 -33.84 -29.15 2.27
N ASP C 158 -34.42 -28.40 3.20
CA ASP C 158 -35.87 -28.35 3.38
C ASP C 158 -36.32 -26.90 3.24
N LYS C 159 -37.07 -26.60 2.19
CA LYS C 159 -37.46 -25.22 1.93
C LYS C 159 -38.56 -24.74 2.89
N ASN C 160 -39.34 -25.67 3.46
CA ASN C 160 -40.49 -25.31 4.28
C ASN C 160 -40.16 -25.31 5.76
N ILE C 161 -38.91 -25.59 6.14
CA ILE C 161 -38.54 -25.65 7.54
C ILE C 161 -37.25 -24.86 7.73
N GLY C 162 -37.37 -23.64 8.26
CA GLY C 162 -36.23 -22.76 8.43
C GLY C 162 -36.01 -22.42 9.89
N SER C 163 -34.74 -22.31 10.26
CA SER C 163 -34.34 -21.93 11.61
C SER C 163 -33.55 -20.63 11.52
N ASP C 164 -34.08 -19.58 12.14
CA ASP C 164 -33.47 -18.25 12.12
C ASP C 164 -33.31 -17.79 13.56
N GLU C 165 -32.11 -18.02 14.10
CA GLU C 165 -31.74 -17.64 15.47
C GLU C 165 -32.68 -18.39 16.40
N ASP C 166 -33.46 -17.72 17.26
CA ASP C 166 -34.45 -18.36 18.11
C ASP C 166 -35.80 -18.55 17.40
N HIS C 167 -35.84 -18.51 16.08
CA HIS C 167 -37.08 -18.62 15.31
C HIS C 167 -36.97 -19.82 14.39
N LEU C 168 -37.95 -20.72 14.49
CA LEU C 168 -38.07 -21.87 13.60
C LEU C 168 -39.28 -21.67 12.70
N SER C 169 -39.07 -21.70 11.40
CA SER C 169 -40.11 -21.41 10.43
C SER C 169 -40.59 -22.71 9.80
N LEU C 170 -41.90 -22.93 9.82
CA LEU C 170 -42.50 -24.11 9.20
C LEU C 170 -43.50 -23.64 8.15
N LYS C 171 -43.07 -23.63 6.89
CA LYS C 171 -43.93 -23.21 5.80
C LYS C 171 -44.77 -24.39 5.33
N GLU C 172 -45.98 -24.09 4.88
CA GLU C 172 -46.96 -25.11 4.51
C GLU C 172 -47.13 -26.13 5.64
N PHE C 173 -47.31 -25.62 6.86
CA PHE C 173 -47.42 -26.47 8.03
C PHE C 173 -48.51 -27.52 7.85
N SER C 174 -48.13 -28.79 8.03
CA SER C 174 -49.02 -29.93 7.86
C SER C 174 -49.62 -30.26 9.23
N GLU C 175 -50.93 -30.09 9.35
CA GLU C 175 -51.60 -30.37 10.61
C GLU C 175 -51.36 -31.82 11.04
N LEU C 176 -51.58 -32.77 10.14
CA LEU C 176 -51.42 -34.17 10.46
C LEU C 176 -49.96 -34.61 10.56
N GLU C 177 -49.03 -33.87 9.96
CA GLU C 177 -47.63 -34.28 9.96
C GLU C 177 -46.75 -33.44 10.89
N GLN C 178 -47.01 -32.14 11.01
CA GLN C 178 -46.11 -31.25 11.73
C GLN C 178 -46.59 -30.93 13.13
N SER C 179 -47.74 -31.47 13.55
CA SER C 179 -48.20 -31.27 14.91
C SER C 179 -47.60 -32.33 15.86
N GLY C 180 -47.53 -31.97 17.12
CA GLY C 180 -46.97 -32.86 18.11
C GLY C 180 -46.15 -32.10 19.13
N TYR C 181 -45.17 -32.80 19.70
CA TYR C 181 -44.28 -32.22 20.69
C TYR C 181 -43.08 -31.57 20.01
N TYR C 182 -42.71 -30.38 20.49
CA TYR C 182 -41.55 -29.65 20.00
C TYR C 182 -40.74 -29.15 21.20
N VAL C 183 -39.43 -29.03 21.01
CA VAL C 183 -38.55 -28.58 22.08
C VAL C 183 -37.32 -27.92 21.47
N CYS C 184 -36.83 -26.88 22.14
CA CYS C 184 -35.63 -26.18 21.73
C CYS C 184 -34.57 -26.37 22.80
N TYR C 185 -33.31 -26.50 22.37
CA TYR C 185 -32.21 -26.70 23.30
C TYR C 185 -30.94 -26.13 22.68
N PRO C 186 -30.01 -25.67 23.50
CA PRO C 186 -28.72 -25.19 22.97
C PRO C 186 -27.79 -26.36 22.67
N ARG C 187 -26.87 -26.14 21.73
CA ARG C 187 -25.83 -27.11 21.46
C ARG C 187 -25.04 -27.43 22.72
N GLY C 188 -24.94 -28.73 23.04
CA GLY C 188 -24.25 -29.21 24.21
C GLY C 188 -25.15 -29.71 25.33
N SER C 189 -26.40 -29.27 25.38
CA SER C 189 -27.34 -29.69 26.41
C SER C 189 -28.37 -30.69 25.86
N LYS C 190 -29.05 -31.37 26.79
CA LYS C 190 -30.06 -32.39 26.52
C LYS C 190 -31.45 -31.78 26.38
N PRO C 191 -32.21 -32.17 25.34
CA PRO C 191 -33.57 -31.65 25.21
C PRO C 191 -34.45 -31.97 26.41
N GLU C 192 -34.28 -33.14 27.03
CA GLU C 192 -35.06 -33.49 28.21
C GLU C 192 -34.76 -32.57 29.38
N ASP C 193 -33.65 -31.86 29.35
CA ASP C 193 -33.30 -30.88 30.37
C ASP C 193 -33.95 -29.52 30.11
N ALA C 194 -34.69 -29.38 29.02
CA ALA C 194 -35.41 -28.14 28.77
C ALA C 194 -36.49 -27.95 29.81
N ASN C 195 -36.80 -26.68 30.10
CA ASN C 195 -37.73 -26.39 31.18
C ASN C 195 -39.12 -26.97 30.91
N PHE C 196 -39.49 -27.15 29.65
CA PHE C 196 -40.77 -27.72 29.30
C PHE C 196 -40.87 -28.01 27.80
N TYR C 197 -41.70 -28.98 27.43
CA TYR C 197 -41.96 -29.28 26.03
C TYR C 197 -43.24 -28.56 25.58
N LEU C 198 -43.35 -28.38 24.27
CA LEU C 198 -44.50 -27.71 23.67
C LEU C 198 -45.28 -28.71 22.82
N TYR C 199 -46.59 -28.77 23.04
CA TYR C 199 -47.47 -29.65 22.28
C TYR C 199 -48.28 -28.79 21.30
N LEU C 200 -48.01 -28.96 20.01
CA LEU C 200 -48.59 -28.10 18.99
C LEU C 200 -49.67 -28.85 18.22
N ARG C 201 -50.84 -28.24 18.10
CA ARG C 201 -51.92 -28.75 17.26
C ARG C 201 -52.58 -27.57 16.57
N ALA C 202 -52.38 -27.47 15.26
CA ALA C 202 -52.86 -26.31 14.52
C ALA C 202 -53.43 -26.77 13.19
N ARG C 203 -54.60 -26.23 12.85
CA ARG C 203 -55.24 -26.48 11.57
C ARG C 203 -55.04 -25.27 10.67
N VAL C 204 -54.31 -25.45 9.58
CA VAL C 204 -54.05 -24.35 8.66
C VAL C 204 -54.43 -24.72 7.24
#